data_3I1I
#
_entry.id   3I1I
#
_cell.length_a   123.221
_cell.length_b   123.221
_cell.length_c   295.169
_cell.angle_alpha   90.000
_cell.angle_beta   90.000
_cell.angle_gamma   120.000
#
_symmetry.space_group_name_H-M   'P 61 2 2'
#
loop_
_entity.id
_entity.type
_entity.pdbx_description
1 polymer 'Homoserine O-acetyltransferase'
2 non-polymer 'PHOSPHATE ION'
3 non-polymer 'ACETATE ION'
4 non-polymer GLYCEROL
5 water water
#
_entity_poly.entity_id   1
_entity_poly.type   'polypeptide(L)'
_entity_poly.pdbx_seq_one_letter_code
;SNA(MSE)QIVKKEKFILKEYTFENGRTIPVQ(MSE)GYETYGTLNRERSNVILICHYFSATSHAAGKYTAHDEESGWWD
GLIGPGKAIDTNQYFVICTDNLCNVQVKNPHVITTGPKSINPKTGDEYA(MSE)DFPVFTFLDVAR(MSE)QCELIKD
(MSE)GIARLHAV(MSE)GPSAGG(MSE)IAQQWAVHYPH(MSE)VER(MSE)IGVITNPQNPIITSVNVAQNAIEAIRL
DPSWKGGKYGEEQP(MSE)KGLQLANR(MSE)(MSE)F(MSE)NAFDEHFYETTYPRNSIEVEPYEKVSSLTSFEKEINK
LTYRSIELVDANSW(MSE)YTAKAVLLHDIAHGFSSLEEALSNVEANVL(MSE)IPCKQDLLQPSRYNYK(MSE)VDLLQ
KQGKYAEVYEIESINGH(MSE)AGVFDIHLFEKKVYEFLNRKVSSFV
;
_entity_poly.pdbx_strand_id   A,B
#
# COMPACT_ATOMS: atom_id res chain seq x y z
N GLN A 5 5.49 13.66 -10.50
CA GLN A 5 4.09 13.25 -10.32
CA GLN A 5 4.08 13.32 -10.33
C GLN A 5 3.70 13.44 -8.86
N ILE A 6 2.44 13.75 -8.60
CA ILE A 6 1.96 13.83 -7.23
C ILE A 6 2.29 12.54 -6.50
N VAL A 7 2.70 12.67 -5.24
CA VAL A 7 3.22 11.58 -4.47
C VAL A 7 2.12 10.92 -3.66
N LYS A 8 2.17 9.60 -3.58
CA LYS A 8 1.15 8.85 -2.88
C LYS A 8 1.75 8.29 -1.59
N LYS A 9 1.10 8.52 -0.48
CA LYS A 9 1.54 7.93 0.77
C LYS A 9 1.14 6.47 0.80
N GLU A 10 2.04 5.60 1.23
CA GLU A 10 1.74 4.20 1.43
C GLU A 10 1.96 3.85 2.89
N LYS A 11 1.62 2.60 3.21
CA LYS A 11 1.66 2.12 4.58
C LYS A 11 2.25 0.71 4.62
N PHE A 12 3.20 0.46 5.51
CA PHE A 12 3.75 -0.85 5.75
C PHE A 12 3.49 -1.25 7.19
N ILE A 13 3.06 -2.49 7.39
CA ILE A 13 2.69 -3.02 8.70
C ILE A 13 3.49 -4.24 9.03
N LEU A 14 3.84 -4.39 10.30
CA LEU A 14 4.33 -5.66 10.84
C LEU A 14 3.44 -6.03 12.02
N LYS A 15 2.98 -7.26 12.02
CA LYS A 15 2.04 -7.73 13.01
C LYS A 15 2.76 -7.85 14.34
N GLU A 16 4.01 -8.26 14.27
CA GLU A 16 4.89 -8.24 15.41
C GLU A 16 6.30 -7.85 14.97
N TYR A 17 6.87 -6.85 15.62
CA TYR A 17 8.26 -6.52 15.45
C TYR A 17 9.00 -6.62 16.82
N THR A 18 10.16 -7.27 16.83
CA THR A 18 10.96 -7.32 18.04
C THR A 18 12.06 -6.27 18.03
N PHE A 19 11.98 -5.36 18.99
CA PHE A 19 12.94 -4.27 19.13
C PHE A 19 14.28 -4.83 19.65
N GLU A 20 15.33 -4.03 19.45
CA GLU A 20 16.67 -4.41 19.86
CA GLU A 20 16.67 -4.45 19.86
C GLU A 20 16.74 -4.72 21.37
N ASN A 21 15.89 -4.06 22.17
CA ASN A 21 15.84 -4.37 23.61
C ASN A 21 14.93 -5.54 23.95
N GLY A 22 14.38 -6.19 22.94
CA GLY A 22 13.65 -7.41 23.18
C GLY A 22 12.17 -7.25 23.29
N ARG A 23 11.65 -6.03 23.33
CA ARG A 23 10.21 -5.84 23.40
C ARG A 23 9.57 -6.19 22.02
N THR A 24 8.41 -6.88 22.02
CA THR A 24 7.73 -7.24 20.78
C THR A 24 6.35 -6.61 20.73
N ILE A 25 6.08 -5.77 19.73
CA ILE A 25 4.77 -5.17 19.56
C ILE A 25 4.49 -5.06 18.06
N PRO A 26 3.22 -4.92 17.68
CA PRO A 26 2.90 -4.52 16.30
C PRO A 26 3.37 -3.08 15.98
N VAL A 27 3.85 -2.89 14.76
CA VAL A 27 4.29 -1.59 14.29
C VAL A 27 3.77 -1.31 12.88
N GLN A 28 3.64 -0.04 12.54
CA GLN A 28 3.36 0.40 11.18
C GLN A 28 4.34 1.52 10.84
N GLY A 30 4.77 4.60 7.67
CA GLY A 30 4.40 5.21 6.40
C GLY A 30 5.59 5.25 5.47
N TYR A 31 5.36 5.31 4.17
CA TYR A 31 6.47 5.56 3.26
C TYR A 31 5.95 6.11 1.95
N GLU A 32 6.88 6.51 1.09
CA GLU A 32 6.49 7.03 -0.19
C GLU A 32 7.67 6.84 -1.11
N THR A 33 7.41 6.79 -2.42
CA THR A 33 8.45 6.48 -3.42
C THR A 33 8.35 7.44 -4.59
N TYR A 34 9.45 7.60 -5.31
CA TYR A 34 9.52 8.46 -6.46
C TYR A 34 10.31 7.73 -7.54
N GLY A 35 10.01 8.02 -8.81
CA GLY A 35 10.64 7.29 -9.91
C GLY A 35 10.12 5.87 -10.09
N THR A 36 10.86 5.09 -10.87
CA THR A 36 10.43 3.78 -11.32
C THR A 36 11.47 2.72 -11.05
N LEU A 37 11.03 1.63 -10.44
CA LEU A 37 11.90 0.51 -10.17
C LEU A 37 12.27 -0.18 -11.48
N ASN A 38 13.54 -0.42 -11.75
CA ASN A 38 13.94 -1.07 -13.01
C ASN A 38 13.77 -2.62 -12.92
N ARG A 39 13.93 -3.33 -14.02
CA ARG A 39 13.57 -4.76 -14.06
CA ARG A 39 13.56 -4.74 -14.06
C ARG A 39 14.44 -5.55 -13.12
N GLU A 40 15.71 -5.16 -13.04
CA GLU A 40 16.66 -5.83 -12.20
C GLU A 40 16.53 -5.37 -10.73
N ARG A 41 15.76 -4.31 -10.47
CA ARG A 41 15.65 -3.77 -9.13
C ARG A 41 17.01 -3.33 -8.57
N SER A 42 17.82 -2.77 -9.45
CA SER A 42 19.17 -2.36 -9.13
C SER A 42 19.31 -0.86 -8.99
N ASN A 43 18.22 -0.13 -9.08
CA ASN A 43 18.29 1.35 -9.05
C ASN A 43 17.60 1.99 -7.82
N VAL A 44 17.63 1.29 -6.69
CA VAL A 44 16.94 1.78 -5.49
C VAL A 44 17.85 2.59 -4.55
N ILE A 45 17.37 3.77 -4.18
CA ILE A 45 18.02 4.63 -3.19
C ILE A 45 17.06 4.83 -2.04
N LEU A 46 17.49 4.48 -0.83
CA LEU A 46 16.68 4.69 0.36
C LEU A 46 17.16 5.96 1.03
N ILE A 47 16.24 6.90 1.29
CA ILE A 47 16.49 8.17 1.99
C ILE A 47 15.88 8.05 3.39
N CYS A 48 16.63 8.48 4.39
CA CYS A 48 16.16 8.42 5.77
C CYS A 48 16.00 9.84 6.29
N HIS A 49 14.93 10.08 7.04
CA HIS A 49 14.61 11.43 7.49
C HIS A 49 15.21 11.85 8.84
N TYR A 50 15.31 13.15 9.05
CA TYR A 50 15.94 13.69 10.26
C TYR A 50 14.89 13.91 11.37
N PHE A 51 15.40 14.31 12.55
CA PHE A 51 14.68 14.37 13.85
C PHE A 51 13.20 14.70 13.76
N SER A 52 12.88 15.89 13.31
CA SER A 52 11.50 16.40 13.32
C SER A 52 10.75 16.24 12.00
N ALA A 53 11.37 15.62 11.00
CA ALA A 53 10.75 15.46 9.66
C ALA A 53 9.90 14.19 9.52
N THR A 54 9.68 13.75 8.28
CA THR A 54 8.78 12.68 7.92
C THR A 54 9.28 12.02 6.63
N SER A 55 8.53 11.03 6.11
CA SER A 55 8.85 10.36 4.86
C SER A 55 8.87 11.30 3.62
N HIS A 56 8.32 12.50 3.78
CA HIS A 56 8.15 13.44 2.67
C HIS A 56 9.44 14.13 2.27
N ALA A 57 10.34 13.35 1.68
CA ALA A 57 11.63 13.85 1.26
C ALA A 57 11.54 14.70 0.00
N ALA A 58 10.52 14.50 -0.82
CA ALA A 58 10.40 15.25 -2.09
C ALA A 58 8.97 15.34 -2.60
N GLY A 59 8.78 16.29 -3.51
CA GLY A 59 7.52 16.43 -4.20
C GLY A 59 6.43 16.95 -3.30
N LYS A 60 5.18 16.69 -3.73
CA LYS A 60 3.97 17.18 -3.07
C LYS A 60 2.89 16.15 -3.08
N TYR A 61 2.04 16.23 -2.07
CA TYR A 61 0.90 15.33 -1.93
C TYR A 61 -0.35 15.84 -2.68
N THR A 62 -0.46 17.14 -2.89
CA THR A 62 -1.51 17.72 -3.78
C THR A 62 -0.83 18.83 -4.56
N ALA A 63 -1.38 19.21 -5.69
CA ALA A 63 -0.77 20.30 -6.46
C ALA A 63 -0.94 21.66 -5.79
N HIS A 64 -1.75 21.75 -4.74
CA HIS A 64 -1.88 23.03 -4.01
C HIS A 64 -1.08 23.05 -2.71
N ASP A 65 -0.14 22.12 -2.54
CA ASP A 65 0.76 22.15 -1.37
C ASP A 65 1.64 23.39 -1.46
N GLU A 66 1.68 24.14 -0.38
CA GLU A 66 2.50 25.36 -0.32
C GLU A 66 3.95 25.00 -0.55
N GLU A 67 4.40 23.97 0.16
CA GLU A 67 5.79 23.51 0.18
C GLU A 67 5.95 22.12 -0.41
N SER A 68 7.19 21.81 -0.76
CA SER A 68 7.62 20.50 -1.18
C SER A 68 8.38 19.82 -0.05
N GLY A 69 8.71 18.56 -0.26
CA GLY A 69 9.40 17.77 0.74
C GLY A 69 10.78 18.27 1.06
N TRP A 70 11.30 17.80 2.17
CA TRP A 70 12.43 18.46 2.82
C TRP A 70 13.80 18.39 2.09
N TRP A 71 13.93 17.51 1.12
CA TRP A 71 15.15 17.42 0.29
C TRP A 71 14.79 17.54 -1.19
N ASP A 72 13.74 18.30 -1.48
CA ASP A 72 13.20 18.39 -2.83
C ASP A 72 14.22 18.87 -3.84
N GLY A 73 15.08 19.79 -3.43
CA GLY A 73 16.12 20.29 -4.29
C GLY A 73 17.12 19.25 -4.79
N LEU A 74 17.29 18.16 -4.04
CA LEU A 74 18.23 17.07 -4.41
C LEU A 74 17.56 15.97 -5.21
N ILE A 75 16.26 15.79 -5.00
CA ILE A 75 15.56 14.64 -5.52
C ILE A 75 14.55 15.06 -6.56
N GLY A 76 14.71 14.54 -7.78
CA GLY A 76 13.70 14.69 -8.84
C GLY A 76 14.32 14.58 -10.22
N PRO A 77 13.51 14.80 -11.28
CA PRO A 77 13.92 14.67 -12.68
C PRO A 77 15.09 15.56 -12.98
N GLY A 78 16.17 14.98 -13.48
CA GLY A 78 17.36 15.77 -13.77
C GLY A 78 18.14 16.30 -12.57
N LYS A 79 17.76 15.96 -11.34
CA LYS A 79 18.46 16.43 -10.16
C LYS A 79 19.57 15.46 -9.72
N ALA A 80 20.27 15.81 -8.65
CA ALA A 80 21.45 15.04 -8.23
C ALA A 80 21.11 13.59 -7.93
N ILE A 81 19.95 13.37 -7.31
CA ILE A 81 19.37 12.06 -7.11
C ILE A 81 18.22 12.05 -8.12
N ASP A 82 18.56 11.59 -9.31
CA ASP A 82 17.73 11.73 -10.48
C ASP A 82 16.62 10.66 -10.54
N THR A 83 15.39 11.07 -10.31
CA THR A 83 14.24 10.16 -10.38
C THR A 83 13.88 9.66 -11.81
N ASN A 84 14.49 10.20 -12.87
CA ASN A 84 14.39 9.53 -14.19
C ASN A 84 15.27 8.30 -14.23
N GLN A 85 16.12 8.11 -13.24
CA GLN A 85 17.07 7.01 -13.23
C GLN A 85 16.95 6.10 -12.02
N TYR A 86 16.60 6.67 -10.87
CA TYR A 86 16.56 5.91 -9.63
C TYR A 86 15.13 5.77 -9.08
N PHE A 87 14.90 4.68 -8.38
CA PHE A 87 13.67 4.48 -7.64
C PHE A 87 14.01 4.88 -6.20
N VAL A 88 13.39 5.95 -5.71
CA VAL A 88 13.77 6.50 -4.41
C VAL A 88 12.69 6.23 -3.38
N ILE A 89 13.08 5.72 -2.19
CA ILE A 89 12.14 5.43 -1.11
C ILE A 89 12.49 6.23 0.15
N CYS A 90 11.47 6.63 0.88
CA CYS A 90 11.66 7.27 2.17
C CYS A 90 10.54 6.88 3.08
N THR A 91 10.84 6.66 4.34
CA THR A 91 9.89 6.11 5.30
C THR A 91 9.77 7.01 6.54
N ASP A 92 8.65 6.91 7.26
CA ASP A 92 8.51 7.59 8.53
C ASP A 92 9.22 6.81 9.66
N ASN A 93 9.98 7.50 10.49
CA ASN A 93 10.66 6.88 11.62
C ASN A 93 9.68 6.53 12.75
N LEU A 94 10.00 5.49 13.51
CA LEU A 94 9.32 5.24 14.80
C LEU A 94 9.27 6.53 15.71
N CYS A 95 8.21 6.63 16.51
CA CYS A 95 7.97 7.79 17.36
C CYS A 95 8.08 9.14 16.62
N ASN A 96 7.62 9.18 15.37
CA ASN A 96 7.69 10.40 14.60
C ASN A 96 7.06 11.50 15.43
N VAL A 97 7.70 12.65 15.52
CA VAL A 97 7.23 13.69 16.42
C VAL A 97 5.99 14.42 15.90
N GLN A 98 5.87 14.50 14.58
CA GLN A 98 4.74 15.18 13.94
C GLN A 98 3.56 14.27 13.91
N VAL A 99 3.19 13.75 15.07
CA VAL A 99 2.21 12.66 15.15
C VAL A 99 0.81 13.18 14.84
N LYS A 100 0.55 14.46 15.04
CA LYS A 100 -0.75 15.04 14.68
C LYS A 100 -0.88 15.31 13.18
N ASN A 101 0.23 15.38 12.44
CA ASN A 101 0.19 15.52 10.98
C ASN A 101 -0.46 14.28 10.37
N PRO A 102 -1.53 14.46 9.59
CA PRO A 102 -2.34 13.35 9.10
C PRO A 102 -1.70 12.54 7.97
N HIS A 103 -0.66 13.09 7.36
CA HIS A 103 0.15 12.33 6.41
C HIS A 103 1.17 11.38 7.06
N VAL A 104 1.29 11.38 8.38
CA VAL A 104 2.36 10.62 9.05
C VAL A 104 1.82 9.30 9.54
N ILE A 105 2.51 8.21 9.27
CA ILE A 105 2.09 6.91 9.81
C ILE A 105 3.24 6.29 10.59
N THR A 106 3.06 6.17 11.90
CA THR A 106 4.15 5.85 12.81
C THR A 106 3.64 4.96 13.93
N THR A 107 4.56 4.35 14.67
CA THR A 107 4.22 3.74 15.95
C THR A 107 5.04 4.39 17.05
N GLY A 108 4.36 4.77 18.13
CA GLY A 108 4.97 5.53 19.20
C GLY A 108 4.06 5.66 20.42
N PRO A 109 4.42 6.58 21.35
CA PRO A 109 3.70 6.71 22.58
C PRO A 109 2.25 7.14 22.44
N LYS A 110 1.90 7.78 21.32
CA LYS A 110 0.50 8.07 21.07
C LYS A 110 -0.29 6.89 20.53
N SER A 111 0.39 5.84 20.08
CA SER A 111 -0.31 4.71 19.49
C SER A 111 -1.07 3.94 20.57
N ILE A 112 -2.17 3.28 20.16
CA ILE A 112 -2.95 2.47 21.09
C ILE A 112 -2.26 1.13 21.28
N ASN A 113 -2.07 0.72 22.52
CA ASN A 113 -1.60 -0.63 22.81
C ASN A 113 -2.78 -1.59 22.60
N PRO A 114 -2.65 -2.58 21.69
CA PRO A 114 -3.82 -3.42 21.39
C PRO A 114 -4.21 -4.34 22.53
N LYS A 115 -3.23 -4.71 23.36
CA LYS A 115 -3.49 -5.51 24.53
C LYS A 115 -4.34 -4.79 25.58
N THR A 116 -4.35 -3.45 25.60
CA THR A 116 -5.09 -2.71 26.63
C THR A 116 -6.12 -1.69 26.13
N GLY A 117 -6.00 -1.25 24.88
CA GLY A 117 -6.89 -0.20 24.36
C GLY A 117 -6.49 1.21 24.75
N ASP A 118 -5.43 1.34 25.56
CA ASP A 118 -4.90 2.64 25.95
C ASP A 118 -3.61 2.94 25.19
N GLU A 119 -3.26 4.22 25.18
CA GLU A 119 -2.00 4.67 24.60
C GLU A 119 -0.86 4.06 25.35
N TYR A 120 0.22 3.73 24.63
CA TYR A 120 1.44 3.22 25.24
C TYR A 120 2.01 4.21 26.26
N ALA A 121 2.00 5.49 25.91
CA ALA A 121 2.63 6.51 26.73
C ALA A 121 4.06 6.08 27.07
N ASP A 123 5.00 3.57 28.63
CA ASP A 123 5.19 2.14 28.42
C ASP A 123 5.73 1.83 27.00
N PHE A 124 5.85 2.83 26.12
CA PHE A 124 6.44 2.54 24.81
C PHE A 124 7.90 2.10 24.96
N PRO A 125 8.35 1.14 24.14
CA PRO A 125 9.73 0.71 24.34
C PRO A 125 10.73 1.71 23.78
N VAL A 126 11.90 1.73 24.38
CA VAL A 126 13.00 2.49 23.86
C VAL A 126 13.38 1.92 22.50
N PHE A 127 13.53 2.83 21.54
CA PHE A 127 14.02 2.48 20.23
C PHE A 127 15.33 3.18 19.89
N THR A 128 16.07 2.55 18.98
CA THR A 128 17.27 3.09 18.41
C THR A 128 17.11 3.23 16.90
N PHE A 129 18.07 3.85 16.26
CA PHE A 129 18.03 3.99 14.82
C PHE A 129 18.37 2.71 14.13
N LEU A 130 18.89 1.74 14.87
CA LEU A 130 19.01 0.39 14.33
C LEU A 130 17.62 -0.26 14.20
N ASP A 131 16.74 -0.02 15.17
CA ASP A 131 15.35 -0.51 15.05
C ASP A 131 14.68 0.00 13.79
N VAL A 132 14.92 1.28 13.45
CA VAL A 132 14.36 1.86 12.26
C VAL A 132 14.93 1.18 10.97
N ALA A 133 16.23 0.94 10.95
CA ALA A 133 16.89 0.26 9.86
C ALA A 133 16.34 -1.19 9.72
N ARG A 134 16.09 -1.89 10.83
CA ARG A 134 15.55 -3.24 10.73
C ARG A 134 14.13 -3.24 10.13
N GLN A 136 12.83 -0.83 8.08
CA GLN A 136 12.99 -0.48 6.68
C GLN A 136 13.43 -1.68 5.82
N CYS A 137 14.35 -2.47 6.34
CA CYS A 137 14.84 -3.62 5.65
C CYS A 137 13.73 -4.65 5.37
N GLU A 138 12.81 -4.85 6.32
CA GLU A 138 11.69 -5.75 6.10
C GLU A 138 10.87 -5.26 4.94
N LEU A 139 10.64 -3.95 4.92
CA LEU A 139 9.89 -3.36 3.81
C LEU A 139 10.62 -3.55 2.49
N ILE A 140 11.91 -3.23 2.45
CA ILE A 140 12.70 -3.37 1.21
C ILE A 140 12.65 -4.84 0.70
N LYS A 141 12.86 -5.80 1.61
CA LYS A 141 12.84 -7.20 1.25
C LYS A 141 11.46 -7.59 0.74
N ASP A 142 10.43 -7.17 1.45
CA ASP A 142 9.08 -7.51 1.07
C ASP A 142 8.67 -6.89 -0.25
N GLY A 144 10.69 -6.96 -2.65
CA GLY A 144 11.42 -7.79 -3.60
C GLY A 144 12.74 -7.20 -4.03
N ILE A 145 13.36 -6.38 -3.17
CA ILE A 145 14.60 -5.67 -3.48
C ILE A 145 15.72 -6.32 -2.69
N ALA A 146 16.80 -6.69 -3.36
CA ALA A 146 17.87 -7.42 -2.66
C ALA A 146 18.98 -6.47 -2.22
N ARG A 147 19.13 -5.39 -2.95
CA ARG A 147 20.27 -4.53 -2.80
C ARG A 147 19.86 -3.08 -2.99
N LEU A 148 20.51 -2.18 -2.25
CA LEU A 148 20.30 -0.76 -2.42
C LEU A 148 21.47 -0.18 -3.20
N HIS A 149 21.18 0.63 -4.20
CA HIS A 149 22.22 1.36 -4.93
C HIS A 149 22.87 2.35 -3.96
N ALA A 150 22.07 2.92 -3.06
CA ALA A 150 22.56 3.83 -1.99
C ALA A 150 21.54 3.94 -0.88
N VAL A 151 22.06 4.18 0.32
CA VAL A 151 21.27 4.59 1.45
C VAL A 151 21.88 5.92 1.98
N GLY A 153 20.99 9.99 4.14
CA GLY A 153 20.21 10.88 4.95
C GLY A 153 21.06 11.91 5.70
N PRO A 154 20.39 13.00 6.14
CA PRO A 154 21.07 14.01 6.96
C PRO A 154 20.78 13.75 8.40
N SER A 155 21.80 13.90 9.25
CA SER A 155 21.64 13.94 10.72
C SER A 155 21.05 12.64 11.25
N ALA A 156 19.91 12.64 11.98
CA ALA A 156 19.34 11.33 12.40
C ALA A 156 19.14 10.42 11.19
N GLY A 157 18.82 11.00 10.04
CA GLY A 157 18.69 10.24 8.81
C GLY A 157 20.01 9.55 8.43
N GLY A 158 21.11 10.25 8.62
CA GLY A 158 22.43 9.66 8.44
C GLY A 158 22.80 8.59 9.47
N ILE A 160 20.59 6.40 10.73
CA ILE A 160 19.94 5.25 10.19
C ILE A 160 20.75 4.70 9.00
N ALA A 161 21.23 5.59 8.16
CA ALA A 161 21.99 5.10 6.98
C ALA A 161 23.24 4.39 7.46
N GLN A 162 23.83 4.87 8.54
CA GLN A 162 25.06 4.26 8.99
C GLN A 162 24.75 2.88 9.57
N GLN A 163 23.62 2.74 10.24
CA GLN A 163 23.22 1.45 10.80
C GLN A 163 22.98 0.42 9.67
N TRP A 164 22.40 0.86 8.56
CA TRP A 164 22.32 0.03 7.36
C TRP A 164 23.69 -0.46 6.85
N ALA A 165 24.62 0.47 6.72
CA ALA A 165 25.96 0.13 6.22
C ALA A 165 26.68 -0.87 7.15
N VAL A 166 26.53 -0.69 8.44
CA VAL A 166 27.13 -1.61 9.42
C VAL A 166 26.41 -2.97 9.41
N HIS A 167 25.09 -2.98 9.51
CA HIS A 167 24.37 -4.21 9.77
C HIS A 167 23.83 -4.94 8.58
N TYR A 168 23.79 -4.33 7.39
CA TYR A 168 23.35 -5.03 6.21
C TYR A 168 24.35 -4.86 5.12
N PRO A 169 25.57 -5.31 5.39
CA PRO A 169 26.62 -5.05 4.46
C PRO A 169 26.49 -5.77 3.11
N HIS A 170 25.75 -6.87 2.98
CA HIS A 170 25.63 -7.45 1.65
C HIS A 170 24.60 -6.70 0.80
N VAL A 172 24.14 -3.02 0.81
CA VAL A 172 24.35 -1.59 0.60
C VAL A 172 25.56 -1.31 -0.29
N GLU A 173 25.34 -0.75 -1.45
CA GLU A 173 26.44 -0.45 -2.35
C GLU A 173 27.18 0.82 -1.96
N ARG A 174 26.41 1.78 -1.47
CA ARG A 174 26.89 3.12 -1.21
C ARG A 174 26.16 3.69 -0.05
N ILE A 176 25.74 7.48 2.03
CA ILE A 176 26.10 8.89 2.09
C ILE A 176 25.50 9.43 3.38
N GLY A 177 26.36 9.92 4.25
CA GLY A 177 25.93 10.37 5.54
C GLY A 177 26.19 11.88 5.61
N VAL A 178 25.10 12.64 5.61
CA VAL A 178 25.17 14.10 5.62
C VAL A 178 24.95 14.67 7.02
N ILE A 179 25.80 15.63 7.40
CA ILE A 179 25.74 16.28 8.76
C ILE A 179 25.41 15.31 9.89
N THR A 180 26.21 14.26 10.01
CA THR A 180 25.99 13.17 10.94
C THR A 180 27.36 12.68 11.56
N ASN A 181 27.30 11.65 12.40
CA ASN A 181 28.50 11.06 13.04
C ASN A 181 28.19 9.61 13.44
N PRO A 182 29.23 8.78 13.57
CA PRO A 182 29.01 7.39 13.91
C PRO A 182 28.53 7.18 15.34
N GLN A 183 28.77 8.18 16.18
CA GLN A 183 28.41 8.13 17.60
C GLN A 183 27.97 9.51 17.99
N ASN A 184 26.81 9.65 18.63
CA ASN A 184 26.33 10.99 18.90
C ASN A 184 27.31 11.64 19.88
N PRO A 185 27.85 12.81 19.52
CA PRO A 185 28.80 13.43 20.42
C PRO A 185 28.24 13.63 21.81
N ILE A 186 29.11 13.52 22.80
CA ILE A 186 28.72 13.68 24.19
C ILE A 186 28.09 15.05 24.43
N ILE A 187 28.69 16.10 23.87
CA ILE A 187 28.18 17.47 24.05
C ILE A 187 26.75 17.59 23.59
N THR A 188 26.46 17.05 22.41
CA THR A 188 25.11 17.06 21.90
C THR A 188 24.17 16.11 22.67
N SER A 189 24.68 14.97 23.12
CA SER A 189 23.85 14.03 23.83
C SER A 189 23.33 14.60 25.14
N VAL A 190 24.16 15.41 25.81
CA VAL A 190 23.72 16.03 27.05
C VAL A 190 23.02 17.37 26.79
N ASN A 191 23.65 18.23 25.99
CA ASN A 191 23.16 19.61 25.90
C ASN A 191 21.87 19.68 25.16
N VAL A 192 21.67 18.80 24.19
CA VAL A 192 20.44 18.81 23.41
C VAL A 192 19.53 17.61 23.64
N ALA A 193 20.02 16.40 23.88
CA ALA A 193 19.08 15.28 24.15
C ALA A 193 18.67 15.13 25.64
N GLN A 194 19.64 14.98 26.54
CA GLN A 194 19.31 14.85 27.97
C GLN A 194 18.55 16.08 28.47
N ASN A 195 19.12 17.26 28.27
CA ASN A 195 18.47 18.48 28.69
C ASN A 195 17.04 18.66 28.14
N ALA A 196 16.82 18.23 26.90
CA ALA A 196 15.47 18.34 26.31
C ALA A 196 14.51 17.39 27.01
N ILE A 197 14.92 16.14 27.15
CA ILE A 197 14.12 15.17 27.89
C ILE A 197 13.79 15.69 29.29
N GLU A 198 14.79 16.14 30.01
CA GLU A 198 14.54 16.66 31.34
C GLU A 198 13.68 17.92 31.40
N ALA A 199 13.80 18.80 30.41
CA ALA A 199 12.93 19.99 30.35
C ALA A 199 11.44 19.59 30.21
N ILE A 200 11.14 18.61 29.37
CA ILE A 200 9.77 18.11 29.25
C ILE A 200 9.25 17.46 30.58
N ARG A 201 10.07 16.63 31.22
CA ARG A 201 9.69 15.98 32.48
C ARG A 201 9.45 16.99 33.60
N LEU A 202 10.18 18.11 33.54
CA LEU A 202 10.11 19.08 34.61
C LEU A 202 8.79 19.84 34.59
N ASP A 203 8.26 20.06 33.39
CA ASP A 203 6.97 20.67 33.23
C ASP A 203 5.88 19.83 33.93
N PRO A 204 5.21 20.40 34.94
CA PRO A 204 4.10 19.68 35.61
C PRO A 204 2.94 19.27 34.70
N SER A 205 2.75 20.00 33.62
CA SER A 205 1.78 19.62 32.61
C SER A 205 2.07 18.26 31.97
N TRP A 206 3.31 17.78 32.10
CA TRP A 206 3.69 16.52 31.47
C TRP A 206 2.89 15.38 32.07
N LYS A 207 2.52 15.55 33.35
CA LYS A 207 1.71 14.59 34.08
C LYS A 207 2.14 13.16 33.88
N GLY A 208 3.43 12.92 34.07
CA GLY A 208 3.95 11.56 34.02
C GLY A 208 3.86 10.95 32.64
N GLY A 209 3.64 11.77 31.62
CA GLY A 209 3.46 11.24 30.28
C GLY A 209 2.00 11.06 29.90
N LYS A 210 1.08 11.21 30.85
CA LYS A 210 -0.34 11.01 30.57
C LYS A 210 -1.12 12.31 30.36
N TYR A 211 -0.58 13.23 29.59
CA TYR A 211 -1.20 14.55 29.41
C TYR A 211 -2.32 14.53 28.37
N GLY A 212 -2.47 13.40 27.68
CA GLY A 212 -3.49 13.26 26.64
C GLY A 212 -3.36 14.26 25.49
N GLU A 213 -4.34 15.15 25.38
CA GLU A 213 -4.39 16.09 24.26
C GLU A 213 -3.78 17.44 24.63
N GLU A 214 -3.51 17.65 25.91
CA GLU A 214 -2.90 18.89 26.37
C GLU A 214 -1.38 18.79 26.56
N GLN A 215 -0.66 19.10 25.50
CA GLN A 215 0.80 18.97 25.45
C GLN A 215 1.43 19.88 26.47
N PRO A 216 2.54 19.44 27.10
CA PRO A 216 3.31 20.33 28.00
C PRO A 216 4.15 21.33 27.20
N LYS A 218 5.38 24.42 27.69
CA LYS A 218 6.57 25.10 28.23
C LYS A 218 7.79 24.21 28.14
N GLY A 219 7.66 22.99 28.64
CA GLY A 219 8.76 22.04 28.52
C GLY A 219 9.15 21.77 27.08
N LEU A 220 8.16 21.65 26.20
CA LEU A 220 8.45 21.28 24.82
C LEU A 220 9.13 22.42 24.08
N GLN A 221 8.66 23.65 24.31
CA GLN A 221 9.28 24.80 23.69
C GLN A 221 10.74 24.95 24.11
N LEU A 222 11.00 24.70 25.39
CA LEU A 222 12.36 24.74 25.90
C LEU A 222 13.22 23.66 25.21
N ALA A 223 12.69 22.45 25.12
CA ALA A 223 13.36 21.36 24.39
C ALA A 223 13.66 21.79 22.95
N ASN A 224 12.71 22.41 22.30
CA ASN A 224 12.84 22.82 20.90
C ASN A 224 13.82 23.98 20.75
N ARG A 225 13.78 24.92 21.67
CA ARG A 225 14.70 26.04 21.60
C ARG A 225 16.17 25.60 21.75
N PHE A 228 17.18 24.27 18.35
CA PHE A 228 17.25 25.38 17.40
C PHE A 228 18.50 26.24 17.60
N ASN A 230 21.36 25.35 18.47
CA ASN A 230 22.61 24.73 17.98
C ASN A 230 22.58 24.33 16.51
N ALA A 231 21.46 24.66 15.86
CA ALA A 231 21.23 24.22 14.48
C ALA A 231 22.01 25.03 13.45
N PHE A 232 22.52 26.21 13.83
CA PHE A 232 23.19 27.11 12.86
C PHE A 232 24.58 27.49 13.41
N ASP A 233 25.37 28.24 12.65
CA ASP A 233 26.61 28.85 13.18
C ASP A 233 26.24 29.94 14.15
N GLU A 234 27.12 30.25 15.11
CA GLU A 234 26.81 31.30 16.07
C GLU A 234 26.51 32.66 15.40
N HIS A 235 27.23 32.95 14.35
CA HIS A 235 27.06 34.21 13.71
C HIS A 235 25.71 34.35 13.01
N PHE A 236 25.12 33.22 12.64
CA PHE A 236 23.77 33.24 12.11
C PHE A 236 22.83 33.91 13.09
N TYR A 237 22.90 33.57 14.37
CA TYR A 237 21.94 34.14 15.35
C TYR A 237 22.22 35.63 15.63
N GLU A 238 23.50 35.99 15.58
CA GLU A 238 23.96 37.34 15.83
C GLU A 238 23.43 38.31 14.78
N THR A 239 23.45 37.91 13.51
CA THR A 239 22.90 38.73 12.42
C THR A 239 21.42 38.53 12.14
N THR A 240 20.84 37.38 12.43
CA THR A 240 19.41 37.18 12.11
C THR A 240 18.47 37.70 13.20
N TYR A 241 18.89 37.61 14.47
CA TYR A 241 18.12 38.17 15.58
C TYR A 241 19.03 39.14 16.36
N PRO A 242 19.36 40.27 15.73
CA PRO A 242 20.41 41.11 16.31
C PRO A 242 19.95 41.80 17.60
N ARG A 243 20.91 42.10 18.44
CA ARG A 243 20.62 42.82 19.67
C ARG A 243 20.10 44.23 19.40
N ASN A 244 19.03 44.62 20.07
CA ASN A 244 18.54 45.99 20.08
C ASN A 244 19.16 46.70 21.30
N SER A 245 20.07 47.64 21.05
CA SER A 245 20.79 48.32 22.10
C SER A 245 20.11 49.57 22.64
N ILE A 246 18.86 49.79 22.23
CA ILE A 246 18.11 50.95 22.63
C ILE A 246 16.99 50.55 23.58
N GLU A 247 16.23 49.50 23.30
CA GLU A 247 15.08 49.16 24.16
C GLU A 247 15.49 49.08 25.65
N VAL A 248 14.67 49.70 26.53
CA VAL A 248 14.93 49.77 27.95
C VAL A 248 14.11 48.76 28.76
N GLU A 249 13.02 48.25 28.22
CA GLU A 249 12.10 47.46 29.05
CA GLU A 249 12.07 47.47 28.99
C GLU A 249 12.73 46.17 29.55
N PRO A 250 13.54 45.47 28.74
CA PRO A 250 14.22 44.28 29.32
C PRO A 250 15.09 44.53 30.58
N TYR A 251 15.56 45.78 30.74
CA TYR A 251 16.42 46.22 31.84
C TYR A 251 15.64 46.53 33.11
N GLU A 252 14.32 46.32 33.07
CA GLU A 252 13.47 46.80 34.14
C GLU A 252 12.85 45.69 34.95
N LYS A 253 12.64 44.53 34.35
CA LYS A 253 12.06 43.38 35.06
C LYS A 253 12.74 42.12 34.59
N VAL A 254 12.90 41.17 35.51
CA VAL A 254 13.52 39.95 35.11
C VAL A 254 12.75 39.37 33.93
N SER A 255 11.42 39.48 33.97
CA SER A 255 10.56 38.80 33.00
C SER A 255 10.34 39.55 31.69
N SER A 256 10.89 40.74 31.54
CA SER A 256 10.74 41.40 30.25
C SER A 256 11.73 40.86 29.24
N LEU A 257 11.21 40.34 28.13
CA LEU A 257 12.08 39.74 27.12
C LEU A 257 12.70 40.78 26.21
N THR A 258 13.92 40.51 25.77
CA THR A 258 14.56 41.27 24.71
C THR A 258 13.87 40.96 23.39
N SER A 259 14.17 41.74 22.38
CA SER A 259 13.50 41.53 21.10
C SER A 259 14.02 40.25 20.45
N PHE A 260 15.29 39.91 20.66
CA PHE A 260 15.76 38.63 20.11
C PHE A 260 15.07 37.47 20.80
N GLU A 261 14.83 37.56 22.12
CA GLU A 261 14.12 36.49 22.80
C GLU A 261 12.70 36.32 22.25
N LYS A 262 12.03 37.45 21.96
CA LYS A 262 10.71 37.44 21.36
C LYS A 262 10.67 36.79 19.97
N GLU A 263 11.57 37.21 19.08
CA GLU A 263 11.64 36.60 17.75
C GLU A 263 11.86 35.07 17.89
N ILE A 264 12.86 34.66 18.65
CA ILE A 264 13.15 33.24 18.79
C ILE A 264 12.03 32.49 19.51
N ASN A 265 11.40 33.07 20.51
CA ASN A 265 10.23 32.43 21.12
C ASN A 265 9.13 32.15 20.10
N LYS A 266 8.87 33.14 19.25
CA LYS A 266 7.84 33.01 18.24
C LYS A 266 8.13 31.84 17.30
N LEU A 267 9.35 31.77 16.79
CA LEU A 267 9.73 30.68 15.88
C LEU A 267 9.61 29.33 16.56
N THR A 268 10.08 29.23 17.80
CA THR A 268 10.18 27.95 18.42
C THR A 268 8.83 27.49 18.92
N TYR A 269 7.93 28.41 19.21
CA TYR A 269 6.59 28.04 19.54
C TYR A 269 5.88 27.48 18.32
N ARG A 270 6.00 28.17 17.19
CA ARG A 270 5.35 27.77 15.96
CA ARG A 270 5.32 27.77 15.98
C ARG A 270 5.75 26.36 15.56
N SER A 271 7.02 26.03 15.70
CA SER A 271 7.44 24.71 15.23
C SER A 271 7.09 23.56 16.17
N ILE A 272 6.54 23.80 17.33
CA ILE A 272 6.11 22.69 18.18
C ILE A 272 4.57 22.56 18.19
N GLU A 273 3.91 23.20 17.24
CA GLU A 273 2.45 23.19 17.20
C GLU A 273 1.83 21.84 16.84
N LEU A 274 2.43 21.12 15.90
CA LEU A 274 1.95 19.79 15.55
C LEU A 274 2.65 18.66 16.26
N VAL A 275 3.41 18.94 17.29
CA VAL A 275 4.41 18.01 17.79
C VAL A 275 3.95 17.37 19.08
N ASP A 276 4.32 16.09 19.28
CA ASP A 276 4.00 15.37 20.52
C ASP A 276 5.20 15.24 21.46
N ALA A 277 5.00 15.60 22.71
CA ALA A 277 6.09 15.70 23.70
C ALA A 277 6.74 14.35 23.97
N ASN A 278 5.94 13.34 24.32
CA ASN A 278 6.48 12.00 24.58
C ASN A 278 7.28 11.48 23.37
N SER A 279 6.75 11.75 22.17
CA SER A 279 7.40 11.35 20.96
C SER A 279 8.78 12.03 20.86
N TRP A 280 8.79 13.32 21.18
CA TRP A 280 10.01 14.09 21.17
C TRP A 280 11.02 13.45 22.13
N TYR A 282 11.29 10.27 23.18
CA TYR A 282 11.78 8.96 22.68
C TYR A 282 12.78 9.13 21.55
N THR A 283 12.50 10.10 20.68
CA THR A 283 13.39 10.40 19.55
C THR A 283 14.68 11.03 20.08
N ALA A 284 14.58 11.96 21.04
CA ALA A 284 15.79 12.50 21.71
C ALA A 284 16.60 11.36 22.35
N LYS A 285 15.90 10.42 22.97
CA LYS A 285 16.56 9.24 23.55
C LYS A 285 17.31 8.41 22.48
N ALA A 286 16.68 8.21 21.33
CA ALA A 286 17.32 7.51 20.22
C ALA A 286 18.60 8.24 19.82
N VAL A 287 18.52 9.57 19.77
CA VAL A 287 19.68 10.33 19.30
C VAL A 287 20.79 10.16 20.32
N LEU A 288 20.46 10.29 21.58
CA LEU A 288 21.46 10.20 22.65
C LEU A 288 22.10 8.80 22.75
N LEU A 289 21.31 7.77 22.43
CA LEU A 289 21.82 6.40 22.38
C LEU A 289 22.60 6.08 21.11
N HIS A 290 22.61 6.95 20.08
CA HIS A 290 23.20 6.61 18.81
C HIS A 290 24.71 6.32 18.87
N ASP A 291 25.08 5.11 18.46
CA ASP A 291 26.41 4.55 18.62
C ASP A 291 26.53 3.29 17.78
N ILE A 292 27.10 3.43 16.58
CA ILE A 292 27.26 2.28 15.71
C ILE A 292 28.17 1.21 16.37
N ALA A 293 29.08 1.62 17.27
CA ALA A 293 29.89 0.65 18.04
C ALA A 293 29.10 -0.13 19.07
N HIS A 294 27.90 0.31 19.42
CA HIS A 294 27.11 -0.44 20.40
C HIS A 294 26.83 -1.84 19.89
N GLY A 295 27.13 -2.85 20.68
CA GLY A 295 27.07 -4.20 20.14
C GLY A 295 28.47 -4.79 20.04
N PHE A 296 29.43 -3.98 19.64
CA PHE A 296 30.70 -4.45 19.20
C PHE A 296 31.72 -4.19 20.28
N SER A 297 32.97 -4.56 20.02
CA SER A 297 34.03 -4.32 20.98
C SER A 297 34.66 -2.97 20.80
N SER A 298 34.46 -2.35 19.65
CA SER A 298 34.95 -0.99 19.40
C SER A 298 34.35 -0.43 18.13
N LEU A 299 34.54 0.88 17.94
CA LEU A 299 34.15 1.54 16.70
C LEU A 299 34.83 0.87 15.52
N GLU A 300 36.13 0.57 15.66
CA GLU A 300 36.92 -0.10 14.65
CA GLU A 300 36.89 -0.11 14.59
C GLU A 300 36.23 -1.43 14.22
N GLU A 301 35.78 -2.18 15.19
CA GLU A 301 35.11 -3.43 14.85
C GLU A 301 33.80 -3.17 14.12
N ALA A 302 33.00 -2.23 14.58
CA ALA A 302 31.72 -1.95 13.92
C ALA A 302 31.99 -1.64 12.45
N LEU A 303 33.00 -0.82 12.19
CA LEU A 303 33.28 -0.36 10.85
C LEU A 303 33.90 -1.43 9.96
N SER A 304 34.59 -2.40 10.55
CA SER A 304 35.12 -3.54 9.80
C SER A 304 34.05 -4.23 8.92
N ASN A 305 32.81 -4.18 9.35
CA ASN A 305 31.73 -4.86 8.64
C ASN A 305 31.24 -4.09 7.39
N VAL A 306 31.45 -2.78 7.36
CA VAL A 306 30.99 -1.95 6.26
C VAL A 306 31.70 -2.37 4.96
N GLU A 307 30.93 -2.61 3.90
CA GLU A 307 31.52 -2.90 2.58
C GLU A 307 31.04 -1.89 1.51
N ALA A 308 30.15 -0.97 1.88
CA ALA A 308 29.68 0.07 0.95
C ALA A 308 30.81 1.05 0.65
N ASN A 309 30.77 1.67 -0.51
CA ASN A 309 31.55 2.90 -0.76
C ASN A 309 30.96 3.91 0.17
N VAL A 310 31.76 4.63 0.95
CA VAL A 310 31.21 5.56 1.96
C VAL A 310 31.60 7.02 1.68
N LEU A 311 30.60 7.91 1.71
CA LEU A 311 30.78 9.36 1.57
C LEU A 311 30.17 10.09 2.77
N ILE A 313 29.52 13.84 4.49
CA ILE A 313 29.39 15.24 4.13
C ILE A 313 29.03 16.05 5.38
N PRO A 314 30.05 16.41 6.17
CA PRO A 314 29.84 17.26 7.32
C PRO A 314 29.94 18.75 6.95
N CYS A 315 29.45 19.59 7.85
CA CYS A 315 29.61 20.99 7.75
C CYS A 315 30.52 21.44 8.85
N LYS A 316 31.58 22.14 8.46
CA LYS A 316 32.60 22.64 9.37
C LYS A 316 32.09 23.51 10.52
N GLN A 317 30.99 24.23 10.29
CA GLN A 317 30.37 25.06 11.30
C GLN A 317 29.27 24.35 12.09
N ASP A 318 29.12 23.04 11.90
CA ASP A 318 28.07 22.29 12.61
C ASP A 318 28.46 22.15 14.06
N LEU A 319 27.64 22.73 14.95
CA LEU A 319 27.83 22.63 16.37
C LEU A 319 27.22 21.36 16.97
N LEU A 320 26.29 20.73 16.25
CA LEU A 320 25.60 19.53 16.77
C LEU A 320 26.42 18.31 16.43
N GLN A 321 27.05 18.33 15.27
CA GLN A 321 27.77 17.19 14.77
C GLN A 321 29.16 17.61 14.30
N PRO A 322 30.11 17.74 15.24
CA PRO A 322 31.44 18.19 14.90
C PRO A 322 32.09 17.32 13.85
N SER A 323 32.68 17.93 12.85
CA SER A 323 33.12 17.17 11.72
C SER A 323 34.37 16.31 12.02
N ARG A 324 35.11 16.60 13.08
CA ARG A 324 36.32 15.80 13.29
C ARG A 324 36.05 14.27 13.34
N TYR A 325 34.89 13.86 13.82
CA TYR A 325 34.63 12.42 13.93
C TYR A 325 34.29 11.82 12.58
N ASN A 326 33.89 12.62 11.58
CA ASN A 326 33.75 12.08 10.22
C ASN A 326 35.15 11.68 9.69
N TYR A 327 36.14 12.53 9.95
CA TYR A 327 37.52 12.26 9.50
C TYR A 327 38.08 11.03 10.16
N LYS A 328 37.80 10.87 11.45
CA LYS A 328 38.31 9.70 12.17
CA LYS A 328 38.29 9.70 12.18
C LYS A 328 37.75 8.42 11.52
N VAL A 330 36.41 7.88 8.55
CA VAL A 330 36.86 7.67 7.20
C VAL A 330 38.30 7.14 7.19
N ASP A 331 39.08 7.65 8.12
CA ASP A 331 40.44 7.18 8.24
C ASP A 331 40.46 5.69 8.60
N LEU A 332 39.63 5.29 9.57
CA LEU A 332 39.56 3.88 9.94
C LEU A 332 39.15 3.02 8.76
N LEU A 333 38.14 3.44 8.04
CA LEU A 333 37.69 2.66 6.87
C LEU A 333 38.80 2.55 5.80
N GLN A 334 39.53 3.63 5.55
CA GLN A 334 40.61 3.58 4.56
C GLN A 334 41.70 2.63 4.99
N LYS A 335 42.06 2.62 6.27
CA LYS A 335 43.08 1.70 6.71
C LYS A 335 42.64 0.23 6.67
N GLN A 336 41.33 -0.01 6.61
CA GLN A 336 40.82 -1.34 6.33
C GLN A 336 40.81 -1.69 4.85
N GLY A 337 41.30 -0.78 4.01
CA GLY A 337 41.27 -0.97 2.57
C GLY A 337 39.93 -0.65 1.93
N LYS A 338 39.04 0.05 2.63
CA LYS A 338 37.76 0.41 2.00
C LYS A 338 37.75 1.78 1.33
N TYR A 339 36.79 1.97 0.42
CA TYR A 339 36.61 3.25 -0.23
C TYR A 339 35.74 4.14 0.67
N ALA A 340 36.30 5.28 1.08
CA ALA A 340 35.63 6.18 1.98
C ALA A 340 36.22 7.58 1.86
N GLU A 341 35.37 8.60 1.84
CA GLU A 341 35.82 9.99 1.74
CA GLU A 341 35.85 9.99 1.76
C GLU A 341 34.94 10.96 2.52
N VAL A 342 35.53 12.08 2.92
CA VAL A 342 34.84 13.21 3.54
C VAL A 342 34.80 14.31 2.50
N TYR A 343 33.62 14.90 2.31
CA TYR A 343 33.50 16.11 1.55
C TYR A 343 32.85 17.12 2.48
N GLU A 344 33.67 18.04 2.98
CA GLU A 344 33.27 19.02 3.99
C GLU A 344 32.77 20.30 3.38
N ILE A 345 31.58 20.71 3.76
CA ILE A 345 31.04 21.99 3.34
C ILE A 345 31.17 23.04 4.44
N GLU A 346 31.00 24.30 4.02
CA GLU A 346 31.05 25.46 4.91
C GLU A 346 29.85 26.36 4.68
N SER A 347 29.26 26.82 5.75
CA SER A 347 28.10 27.66 5.64
C SER A 347 27.76 28.29 6.97
N ILE A 348 27.26 29.51 6.89
CA ILE A 348 26.78 30.21 8.06
C ILE A 348 25.60 29.46 8.63
N ASN A 349 24.97 28.62 7.82
CA ASN A 349 23.86 27.78 8.30
C ASN A 349 24.19 26.60 9.20
N GLY A 350 25.47 26.33 9.40
CA GLY A 350 25.88 25.29 10.34
C GLY A 350 25.27 23.94 9.99
N HIS A 351 24.71 23.27 11.00
CA HIS A 351 24.06 21.98 10.83
C HIS A 351 23.02 21.99 9.71
N ALA A 353 22.88 23.54 7.04
CA ALA A 353 23.42 23.51 5.68
C ALA A 353 23.09 22.16 4.99
N GLY A 354 22.98 21.11 5.79
CA GLY A 354 22.76 19.80 5.24
C GLY A 354 21.38 19.67 4.63
N VAL A 355 20.45 20.54 5.02
CA VAL A 355 19.11 20.53 4.44
C VAL A 355 18.87 21.76 3.57
N PHE A 356 19.44 22.92 3.94
CA PHE A 356 19.19 24.15 3.23
C PHE A 356 20.23 24.55 2.20
N ASP A 357 21.41 23.92 2.16
CA ASP A 357 22.44 24.31 1.18
C ASP A 357 22.90 23.16 0.29
N ILE A 358 21.90 22.47 -0.22
CA ILE A 358 22.00 21.44 -1.23
C ILE A 358 22.97 21.82 -2.32
N HIS A 359 22.98 23.06 -2.75
CA HIS A 359 23.90 23.51 -3.81
CA HIS A 359 23.87 23.43 -3.85
C HIS A 359 25.35 23.24 -3.46
N LEU A 360 25.67 23.20 -2.18
CA LEU A 360 27.08 23.03 -1.76
C LEU A 360 27.65 21.61 -2.01
N PHE A 361 26.75 20.63 -2.13
CA PHE A 361 27.17 19.22 -2.27
C PHE A 361 26.44 18.38 -3.33
N GLU A 362 25.45 18.94 -4.03
CA GLU A 362 24.66 18.15 -5.00
C GLU A 362 25.57 17.57 -6.10
N LYS A 363 26.56 18.32 -6.51
CA LYS A 363 27.42 17.82 -7.57
C LYS A 363 28.26 16.61 -7.10
N LYS A 364 28.69 16.64 -5.84
CA LYS A 364 29.40 15.52 -5.26
C LYS A 364 28.50 14.29 -5.11
N VAL A 365 27.26 14.49 -4.68
CA VAL A 365 26.35 13.39 -4.50
C VAL A 365 26.19 12.65 -5.85
N TYR A 366 25.91 13.43 -6.87
CA TYR A 366 25.73 12.92 -8.21
C TYR A 366 26.90 12.07 -8.65
N GLU A 367 28.11 12.60 -8.52
CA GLU A 367 29.36 11.87 -8.87
CA GLU A 367 29.30 11.86 -8.92
C GLU A 367 29.47 10.56 -8.09
N PHE A 368 29.13 10.61 -6.81
CA PHE A 368 29.27 9.45 -5.95
C PHE A 368 28.25 8.35 -6.28
N LEU A 369 27.04 8.75 -6.62
CA LEU A 369 26.02 7.80 -7.06
C LEU A 369 26.40 7.11 -8.36
N ASN A 370 27.30 7.73 -9.12
CA ASN A 370 27.80 7.15 -10.37
C ASN A 370 29.15 6.47 -10.29
N ARG A 371 29.83 6.51 -9.16
CA ARG A 371 31.08 5.78 -9.03
C ARG A 371 30.78 4.29 -8.74
N LYS A 372 31.62 3.42 -9.30
CA LYS A 372 31.43 1.99 -9.14
C LYS A 372 31.82 1.49 -7.73
N VAL A 373 31.17 0.41 -7.32
CA VAL A 373 31.38 -0.18 -6.00
C VAL A 373 32.77 -0.83 -5.96
N SER A 374 33.50 -0.55 -4.89
CA SER A 374 34.94 -0.88 -4.79
C SER A 374 35.12 -2.31 -4.28
N SER A 375 34.36 -2.66 -3.24
CA SER A 375 34.34 -4.02 -2.71
C SER A 375 33.41 -4.93 -3.53
N PHE A 376 33.26 -6.19 -3.14
CA PHE A 376 32.19 -7.04 -3.67
C PHE A 376 30.99 -6.99 -2.66
N GLN B 5 -34.49 -20.04 4.48
CA GLN B 5 -35.51 -19.05 4.16
C GLN B 5 -35.40 -18.46 2.76
N ILE B 6 -36.56 -18.18 2.18
CA ILE B 6 -36.65 -17.37 0.99
C ILE B 6 -35.78 -16.10 1.18
N VAL B 7 -34.94 -15.85 0.18
CA VAL B 7 -34.04 -14.69 0.17
C VAL B 7 -34.80 -13.46 -0.29
N LYS B 8 -34.56 -12.34 0.38
CA LYS B 8 -35.10 -11.06 -0.03
C LYS B 8 -33.98 -10.19 -0.62
N LYS B 9 -34.24 -9.67 -1.80
CA LYS B 9 -33.33 -8.79 -2.47
C LYS B 9 -33.41 -7.40 -1.85
N GLU B 10 -32.25 -6.79 -1.66
CA GLU B 10 -32.14 -5.48 -1.02
C GLU B 10 -31.42 -4.53 -1.95
N LYS B 11 -31.34 -3.28 -1.54
CA LYS B 11 -30.80 -2.21 -2.35
C LYS B 11 -30.00 -1.27 -1.46
N PHE B 12 -28.74 -1.03 -1.80
CA PHE B 12 -27.95 -0.04 -1.11
C PHE B 12 -27.75 1.13 -2.05
N ILE B 13 -27.85 2.35 -1.51
CA ILE B 13 -27.67 3.56 -2.29
C ILE B 13 -26.43 4.25 -1.77
N LEU B 14 -25.71 4.89 -2.68
CA LEU B 14 -24.64 5.79 -2.34
C LEU B 14 -24.89 7.10 -3.11
N LYS B 15 -25.15 8.18 -2.37
CA LYS B 15 -25.50 9.45 -2.99
C LYS B 15 -24.45 9.89 -3.99
N GLU B 16 -23.19 9.64 -3.66
CA GLU B 16 -22.07 9.94 -4.52
C GLU B 16 -20.96 8.93 -4.25
N TYR B 17 -20.37 8.38 -5.29
CA TYR B 17 -19.20 7.51 -5.16
C TYR B 17 -18.13 8.03 -6.11
N THR B 18 -16.88 8.10 -5.64
CA THR B 18 -15.79 8.58 -6.47
C THR B 18 -14.99 7.42 -6.99
N PHE B 19 -14.95 7.25 -8.30
CA PHE B 19 -14.22 6.14 -8.90
C PHE B 19 -12.70 6.33 -8.79
N GLU B 20 -11.97 5.21 -8.83
CA GLU B 20 -10.51 5.27 -8.92
C GLU B 20 -10.02 6.24 -9.99
N ASN B 21 -10.72 6.39 -11.11
CA ASN B 21 -10.27 7.45 -12.05
C ASN B 21 -10.73 8.89 -11.73
N GLY B 22 -11.31 9.13 -10.57
CA GLY B 22 -11.72 10.50 -10.19
C GLY B 22 -13.16 10.92 -10.51
N ARG B 23 -13.87 10.14 -11.30
CA ARG B 23 -15.24 10.49 -11.67
C ARG B 23 -16.17 10.29 -10.47
N THR B 24 -17.12 11.20 -10.25
CA THR B 24 -18.06 11.06 -9.12
C THR B 24 -19.53 11.03 -9.56
N ILE B 25 -20.23 9.95 -9.22
CA ILE B 25 -21.63 9.78 -9.59
C ILE B 25 -22.37 9.00 -8.51
N PRO B 26 -23.70 9.19 -8.39
CA PRO B 26 -24.49 8.30 -7.54
C PRO B 26 -24.48 6.89 -8.08
N VAL B 27 -24.62 5.95 -7.16
CA VAL B 27 -24.57 4.55 -7.44
C VAL B 27 -25.64 3.85 -6.63
N GLN B 28 -26.20 2.78 -7.17
CA GLN B 28 -27.05 1.85 -6.41
C GLN B 28 -26.52 0.41 -6.57
N GLY B 30 -27.58 -3.74 -5.63
CA GLY B 30 -28.41 -4.79 -5.06
C GLY B 30 -27.55 -5.64 -4.17
N TYR B 31 -28.15 -6.21 -3.13
CA TYR B 31 -27.46 -7.23 -2.35
C TYR B 31 -28.44 -8.15 -1.70
N GLU B 32 -27.92 -9.26 -1.21
CA GLU B 32 -28.73 -10.13 -0.38
C GLU B 32 -27.84 -10.77 0.67
N THR B 33 -28.47 -11.25 1.74
CA THR B 33 -27.77 -11.80 2.89
C THR B 33 -28.41 -13.13 3.30
N TYR B 34 -27.61 -14.02 3.86
CA TYR B 34 -28.12 -15.25 4.44
C TYR B 34 -27.49 -15.47 5.82
N GLY B 35 -28.24 -16.14 6.70
CA GLY B 35 -27.85 -16.33 8.10
C GLY B 35 -28.11 -15.09 8.94
N THR B 36 -27.42 -14.99 10.08
CA THR B 36 -27.72 -13.95 11.06
C THR B 36 -26.45 -13.31 11.56
N LEU B 37 -26.44 -11.97 11.55
CA LEU B 37 -25.34 -11.17 12.07
C LEU B 37 -25.29 -11.28 13.60
N ASN B 38 -24.17 -11.75 14.15
CA ASN B 38 -24.01 -11.92 15.62
C ASN B 38 -23.82 -10.61 16.40
N ARG B 39 -23.89 -10.69 17.73
CA ARG B 39 -23.88 -9.50 18.59
CA ARG B 39 -23.90 -9.49 18.57
C ARG B 39 -22.67 -8.62 18.33
N GLU B 40 -21.49 -9.25 18.29
CA GLU B 40 -20.24 -8.51 18.07
C GLU B 40 -19.81 -8.35 16.57
N ARG B 41 -20.67 -8.81 15.65
CA ARG B 41 -20.52 -8.61 14.21
C ARG B 41 -19.20 -9.13 13.70
N SER B 42 -18.87 -10.33 14.15
CA SER B 42 -17.59 -10.97 13.87
C SER B 42 -17.75 -12.24 13.04
N ASN B 43 -18.98 -12.51 12.57
CA ASN B 43 -19.23 -13.70 11.78
C ASN B 43 -19.59 -13.41 10.30
N VAL B 44 -19.05 -12.34 9.73
CA VAL B 44 -19.42 -11.93 8.36
C VAL B 44 -18.52 -12.54 7.29
N ILE B 45 -19.15 -13.16 6.28
CA ILE B 45 -18.46 -13.65 5.10
C ILE B 45 -19.04 -12.96 3.90
N LEU B 46 -18.16 -12.33 3.11
CA LEU B 46 -18.57 -11.61 1.93
C LEU B 46 -18.20 -12.44 0.69
N ILE B 47 -19.23 -12.71 -0.14
CA ILE B 47 -19.13 -13.45 -1.40
C ILE B 47 -19.22 -12.47 -2.56
N CYS B 48 -18.27 -12.56 -3.50
CA CYS B 48 -18.28 -11.71 -4.69
C CYS B 48 -18.56 -12.53 -5.95
N HIS B 49 -19.40 -12.02 -6.83
CA HIS B 49 -19.88 -12.82 -7.92
C HIS B 49 -19.03 -12.65 -9.17
N TYR B 50 -19.11 -13.65 -10.04
CA TYR B 50 -18.28 -13.72 -11.22
C TYR B 50 -18.92 -12.99 -12.40
N PHE B 51 -18.16 -12.95 -13.50
CA PHE B 51 -18.48 -12.11 -14.70
C PHE B 51 -19.96 -11.89 -14.99
N SER B 52 -20.69 -12.96 -15.31
CA SER B 52 -22.06 -12.84 -15.84
C SER B 52 -23.13 -13.11 -14.79
N ALA B 53 -22.71 -13.31 -13.54
CA ALA B 53 -23.61 -13.67 -12.46
C ALA B 53 -24.20 -12.44 -11.79
N THR B 54 -24.77 -12.66 -10.62
CA THR B 54 -25.45 -11.63 -9.83
C THR B 54 -25.21 -11.90 -8.34
N SER B 55 -25.83 -11.11 -7.48
CA SER B 55 -25.74 -11.31 -6.04
C SER B 55 -26.32 -12.63 -5.52
N HIS B 56 -27.04 -13.34 -6.40
CA HIS B 56 -27.74 -14.56 -6.01
C HIS B 56 -26.82 -15.77 -5.86
N ALA B 57 -25.97 -15.72 -4.85
CA ALA B 57 -25.02 -16.79 -4.60
C ALA B 57 -25.67 -18.07 -4.08
N ALA B 58 -26.81 -17.92 -3.39
CA ALA B 58 -27.45 -19.04 -2.71
C ALA B 58 -28.97 -18.84 -2.59
N GLY B 59 -29.68 -19.96 -2.37
CA GLY B 59 -31.10 -19.96 -2.05
C GLY B 59 -32.05 -19.66 -3.21
N LYS B 60 -33.28 -19.22 -2.86
CA LYS B 60 -34.35 -18.93 -3.82
C LYS B 60 -35.13 -17.68 -3.47
N TYR B 61 -35.58 -16.95 -4.50
CA TYR B 61 -36.39 -15.74 -4.28
C TYR B 61 -37.87 -16.05 -4.00
N THR B 62 -38.39 -17.06 -4.70
CA THR B 62 -39.71 -17.66 -4.43
C THR B 62 -39.53 -19.16 -4.28
N ALA B 63 -40.48 -19.79 -3.61
CA ALA B 63 -40.48 -21.26 -3.42
C ALA B 63 -40.58 -22.04 -4.73
N HIS B 64 -41.09 -21.42 -5.80
CA HIS B 64 -41.19 -22.11 -7.09
C HIS B 64 -40.05 -21.77 -8.07
N ASP B 65 -38.96 -21.16 -7.60
CA ASP B 65 -37.83 -20.91 -8.49
C ASP B 65 -37.29 -22.24 -9.02
N GLU B 66 -37.00 -22.26 -10.32
CA GLU B 66 -36.53 -23.47 -10.98
C GLU B 66 -35.14 -23.80 -10.46
N GLU B 67 -34.32 -22.77 -10.31
CA GLU B 67 -32.98 -22.93 -9.79
C GLU B 67 -32.68 -22.19 -8.50
N SER B 68 -31.62 -22.64 -7.86
CA SER B 68 -31.01 -21.95 -6.73
C SER B 68 -29.85 -21.03 -7.16
N GLY B 69 -29.35 -20.23 -6.23
CA GLY B 69 -28.26 -19.30 -6.51
C GLY B 69 -27.01 -20.04 -6.88
N TRP B 70 -26.09 -19.35 -7.52
CA TRP B 70 -24.98 -19.98 -8.24
C TRP B 70 -23.93 -20.71 -7.40
N TRP B 71 -23.88 -20.45 -6.10
CA TRP B 71 -23.01 -21.24 -5.18
C TRP B 71 -23.82 -21.93 -4.07
N ASP B 72 -25.04 -22.31 -4.41
CA ASP B 72 -25.96 -22.85 -3.42
C ASP B 72 -25.41 -24.10 -2.72
N GLY B 73 -24.59 -24.90 -3.41
CA GLY B 73 -23.99 -26.07 -2.78
C GLY B 73 -23.04 -25.77 -1.64
N LEU B 74 -22.38 -24.61 -1.66
CA LEU B 74 -21.42 -24.23 -0.59
C LEU B 74 -22.06 -23.48 0.56
N ILE B 75 -23.18 -22.81 0.28
CA ILE B 75 -23.77 -21.86 1.22
C ILE B 75 -25.15 -22.33 1.67
N GLY B 76 -25.35 -22.39 2.98
CA GLY B 76 -26.60 -22.88 3.56
C GLY B 76 -26.36 -23.63 4.87
N PRO B 77 -27.45 -24.05 5.52
CA PRO B 77 -27.34 -24.67 6.84
C PRO B 77 -26.56 -25.99 6.81
N GLY B 78 -25.51 -26.09 7.63
CA GLY B 78 -24.64 -27.26 7.64
C GLY B 78 -23.71 -27.44 6.45
N LYS B 79 -23.65 -26.49 5.53
CA LYS B 79 -22.75 -26.62 4.40
C LYS B 79 -21.38 -26.00 4.74
N ALA B 80 -20.45 -26.04 3.79
CA ALA B 80 -19.08 -25.53 4.00
C ALA B 80 -19.04 -24.07 4.48
N ILE B 81 -19.93 -23.25 3.96
CA ILE B 81 -20.14 -21.88 4.39
C ILE B 81 -21.48 -21.92 5.14
N ASP B 82 -21.39 -22.30 6.41
CA ASP B 82 -22.55 -22.65 7.23
C ASP B 82 -23.29 -21.40 7.67
N THR B 83 -24.47 -21.21 7.10
CA THR B 83 -25.36 -20.09 7.43
C THR B 83 -25.98 -20.21 8.85
N ASN B 84 -25.81 -21.34 9.51
CA ASN B 84 -26.09 -21.42 10.96
C ASN B 84 -25.05 -20.67 11.82
N GLN B 85 -23.84 -20.47 11.30
CA GLN B 85 -22.77 -19.77 12.03
C GLN B 85 -22.45 -18.40 11.45
N TYR B 86 -22.44 -18.29 10.12
CA TYR B 86 -22.04 -17.05 9.47
C TYR B 86 -23.18 -16.25 8.93
N PHE B 87 -22.94 -14.94 8.83
CA PHE B 87 -23.81 -14.01 8.12
C PHE B 87 -23.14 -13.76 6.77
N VAL B 88 -23.82 -14.11 5.70
CA VAL B 88 -23.21 -14.12 4.36
C VAL B 88 -23.86 -13.07 3.48
N ILE B 89 -23.04 -12.22 2.86
CA ILE B 89 -23.53 -11.12 2.04
C ILE B 89 -23.02 -11.32 0.61
N CYS B 90 -23.84 -10.99 -0.36
CA CYS B 90 -23.39 -10.98 -1.73
C CYS B 90 -24.07 -9.81 -2.43
N THR B 91 -23.36 -9.13 -3.32
CA THR B 91 -23.83 -7.89 -3.91
C THR B 91 -23.76 -7.98 -5.43
N ASP B 92 -24.58 -7.16 -6.12
CA ASP B 92 -24.47 -7.04 -7.54
C ASP B 92 -23.26 -6.16 -7.90
N ASN B 93 -22.39 -6.63 -8.77
CA ASN B 93 -21.34 -5.77 -9.28
C ASN B 93 -21.85 -4.59 -10.10
N LEU B 94 -21.09 -3.53 -10.02
CA LEU B 94 -21.16 -2.39 -10.91
C LEU B 94 -21.16 -2.89 -12.37
N CYS B 95 -21.97 -2.27 -13.20
CA CYS B 95 -22.12 -2.68 -14.61
C CYS B 95 -22.52 -4.13 -14.82
N ASN B 96 -23.27 -4.69 -13.87
CA ASN B 96 -23.78 -6.04 -13.99
C ASN B 96 -24.37 -6.22 -15.38
N VAL B 97 -24.01 -7.33 -16.03
CA VAL B 97 -24.32 -7.51 -17.42
C VAL B 97 -25.79 -7.90 -17.62
N GLN B 98 -26.45 -8.35 -16.56
CA GLN B 98 -27.82 -8.78 -16.70
C GLN B 98 -28.78 -7.68 -16.40
N VAL B 99 -28.70 -6.60 -17.16
CA VAL B 99 -29.49 -5.46 -16.77
C VAL B 99 -31.00 -5.75 -16.92
N LYS B 100 -31.39 -6.70 -17.78
CA LYS B 100 -32.79 -7.06 -17.96
C LYS B 100 -33.27 -8.16 -17.02
N ASN B 101 -32.37 -8.73 -16.23
CA ASN B 101 -32.81 -9.60 -15.14
C ASN B 101 -33.65 -8.78 -14.11
N PRO B 102 -34.92 -9.16 -13.89
CA PRO B 102 -35.77 -8.43 -12.95
C PRO B 102 -35.23 -8.30 -11.51
N HIS B 103 -34.30 -9.16 -11.07
CA HIS B 103 -33.75 -9.08 -9.71
C HIS B 103 -32.46 -8.26 -9.56
N VAL B 104 -31.89 -7.79 -10.65
CA VAL B 104 -30.61 -7.09 -10.60
C VAL B 104 -30.80 -5.60 -10.32
N ILE B 105 -30.00 -5.05 -9.41
CA ILE B 105 -29.98 -3.63 -9.15
C ILE B 105 -28.53 -3.15 -9.29
N THR B 106 -28.27 -2.38 -10.34
CA THR B 106 -26.92 -1.93 -10.66
C THR B 106 -26.90 -0.55 -11.26
N THR B 107 -25.71 0.03 -11.28
CA THR B 107 -25.40 1.24 -11.99
C THR B 107 -24.39 0.90 -13.04
N GLY B 108 -24.60 1.43 -14.24
CA GLY B 108 -23.82 1.09 -15.41
C GLY B 108 -24.23 1.96 -16.59
N PRO B 109 -23.82 1.56 -17.79
CA PRO B 109 -24.09 2.35 -18.96
C PRO B 109 -25.56 2.50 -19.35
N LYS B 110 -26.43 1.64 -18.82
CA LYS B 110 -27.87 1.81 -18.99
C LYS B 110 -28.51 2.67 -17.90
N SER B 111 -27.77 3.05 -16.86
CA SER B 111 -28.33 3.95 -15.86
C SER B 111 -28.55 5.33 -16.46
N ILE B 112 -29.62 5.99 -16.03
CA ILE B 112 -29.85 7.38 -16.38
C ILE B 112 -28.87 8.27 -15.58
N ASN B 113 -28.23 9.20 -16.28
CA ASN B 113 -27.38 10.22 -15.67
C ASN B 113 -28.32 11.32 -15.16
N PRO B 114 -28.39 11.47 -13.83
CA PRO B 114 -29.34 12.43 -13.22
C PRO B 114 -29.09 13.88 -13.64
N LYS B 115 -27.85 14.21 -13.98
CA LYS B 115 -27.52 15.53 -14.52
C LYS B 115 -28.12 15.85 -15.91
N THR B 116 -28.49 14.83 -16.69
CA THR B 116 -28.87 15.04 -18.09
C THR B 116 -30.15 14.36 -18.55
N GLY B 117 -30.72 13.49 -17.72
CA GLY B 117 -31.89 12.73 -18.14
C GLY B 117 -31.64 11.61 -19.15
N ASP B 118 -30.38 11.34 -19.53
CA ASP B 118 -30.10 10.21 -20.47
C ASP B 118 -29.16 9.12 -19.94
N GLU B 119 -29.23 7.97 -20.60
CA GLU B 119 -28.33 6.86 -20.33
C GLU B 119 -26.91 7.35 -20.45
N TYR B 120 -26.06 6.89 -19.56
CA TYR B 120 -24.63 7.22 -19.63
C TYR B 120 -24.03 6.72 -20.93
N ALA B 121 -24.40 5.51 -21.32
CA ALA B 121 -23.80 4.91 -22.48
C ALA B 121 -22.26 4.94 -22.32
N ASP B 123 -20.34 7.37 -21.94
CA ASP B 123 -19.89 8.34 -20.99
C ASP B 123 -19.74 7.74 -19.59
N PHE B 124 -20.18 6.48 -19.40
CA PHE B 124 -20.06 5.88 -18.07
C PHE B 124 -18.54 5.75 -17.75
N PRO B 125 -18.15 5.90 -16.48
CA PRO B 125 -16.71 5.76 -16.18
C PRO B 125 -16.18 4.34 -16.23
N VAL B 126 -14.90 4.20 -16.61
CA VAL B 126 -14.22 2.94 -16.54
C VAL B 126 -14.12 2.59 -15.07
N PHE B 127 -14.40 1.33 -14.76
CA PHE B 127 -14.33 0.84 -13.42
C PHE B 127 -13.38 -0.36 -13.38
N THR B 128 -12.79 -0.58 -12.22
CA THR B 128 -11.95 -1.72 -11.94
C THR B 128 -12.63 -2.44 -10.77
N PHE B 129 -12.19 -3.65 -10.49
CA PHE B 129 -12.69 -4.42 -9.38
C PHE B 129 -12.29 -3.87 -8.00
N LEU B 130 -11.32 -2.98 -7.94
CA LEU B 130 -11.10 -2.12 -6.76
C LEU B 130 -12.29 -1.21 -6.54
N ASP B 131 -12.81 -0.64 -7.63
CA ASP B 131 -14.00 0.18 -7.47
C ASP B 131 -15.14 -0.65 -6.83
N VAL B 132 -15.26 -1.92 -7.23
CA VAL B 132 -16.33 -2.74 -6.69
C VAL B 132 -16.06 -2.97 -5.19
N ALA B 133 -14.81 -3.30 -4.86
CA ALA B 133 -14.42 -3.55 -3.48
C ALA B 133 -14.74 -2.34 -2.55
N ARG B 134 -14.44 -1.15 -3.05
CA ARG B 134 -14.67 0.06 -2.28
C ARG B 134 -16.13 0.30 -2.08
N GLN B 136 -18.57 -2.06 -2.06
CA GLN B 136 -19.02 -3.05 -1.10
C GLN B 136 -18.65 -2.62 0.30
N CYS B 137 -17.50 -1.99 0.42
CA CYS B 137 -16.98 -1.63 1.74
C CYS B 137 -17.84 -0.55 2.38
N GLU B 138 -18.42 0.31 1.55
CA GLU B 138 -19.37 1.27 2.05
C GLU B 138 -20.63 0.61 2.62
N LEU B 139 -21.08 -0.48 2.00
CA LEU B 139 -22.19 -1.23 2.54
C LEU B 139 -21.79 -1.91 3.85
N ILE B 140 -20.59 -2.45 3.91
CA ILE B 140 -20.16 -3.17 5.10
C ILE B 140 -20.10 -2.21 6.31
N LYS B 141 -19.53 -1.02 6.08
CA LYS B 141 -19.41 -0.02 7.12
C LYS B 141 -20.78 0.50 7.51
N ASP B 142 -21.63 0.80 6.54
CA ASP B 142 -23.00 1.22 6.83
C ASP B 142 -23.76 0.21 7.71
N GLY B 144 -22.31 -1.31 10.14
CA GLY B 144 -21.55 -1.37 11.37
C GLY B 144 -20.61 -2.55 11.48
N ILE B 145 -20.11 -3.05 10.36
CA ILE B 145 -19.18 -4.19 10.41
C ILE B 145 -17.77 -3.66 10.23
N ALA B 146 -16.84 -4.18 11.01
CA ALA B 146 -15.48 -3.64 11.06
C ALA B 146 -14.47 -4.58 10.44
N ARG B 147 -14.66 -5.87 10.64
CA ARG B 147 -13.81 -6.90 10.07
C ARG B 147 -14.69 -7.93 9.36
N LEU B 148 -14.18 -8.51 8.30
CA LEU B 148 -14.79 -9.66 7.65
C LEU B 148 -14.05 -10.92 8.15
N HIS B 149 -14.79 -11.97 8.46
CA HIS B 149 -14.21 -13.27 8.78
C HIS B 149 -13.59 -13.87 7.52
N ALA B 150 -14.24 -13.68 6.37
CA ALA B 150 -13.66 -14.03 5.07
C ALA B 150 -14.26 -13.19 3.96
N VAL B 151 -13.45 -12.94 2.93
CA VAL B 151 -13.96 -12.43 1.67
C VAL B 151 -13.59 -13.48 0.62
N GLY B 153 -14.60 -15.41 -3.53
CA GLY B 153 -15.34 -15.54 -4.76
C GLY B 153 -14.60 -16.26 -5.87
N PRO B 154 -15.34 -16.70 -6.90
CA PRO B 154 -14.70 -17.31 -8.06
C PRO B 154 -14.45 -16.30 -9.20
N SER B 155 -13.31 -16.47 -9.88
CA SER B 155 -12.95 -15.74 -11.09
C SER B 155 -13.01 -14.21 -10.86
N ALA B 156 -13.88 -13.46 -11.55
CA ALA B 156 -13.94 -12.01 -11.24
C ALA B 156 -14.25 -11.77 -9.74
N GLY B 157 -15.00 -12.68 -9.12
CA GLY B 157 -15.34 -12.58 -7.73
C GLY B 157 -14.08 -12.69 -6.90
N GLY B 158 -13.16 -13.55 -7.36
CA GLY B 158 -11.86 -13.70 -6.77
C GLY B 158 -10.97 -12.48 -6.97
N ILE B 160 -12.14 -9.32 -7.10
CA ILE B 160 -12.68 -8.38 -6.15
C ILE B 160 -12.15 -8.72 -4.75
N ALA B 161 -12.12 -10.01 -4.44
CA ALA B 161 -11.67 -10.46 -3.13
C ALA B 161 -10.17 -10.12 -2.92
N GLN B 162 -9.39 -10.17 -3.99
CA GLN B 162 -7.96 -9.91 -3.84
C GLN B 162 -7.77 -8.43 -3.56
N GLN B 163 -8.59 -7.61 -4.20
CA GLN B 163 -8.57 -6.16 -3.96
C GLN B 163 -8.95 -5.80 -2.51
N TRP B 164 -9.96 -6.45 -1.95
CA TRP B 164 -10.25 -6.31 -0.53
C TRP B 164 -8.98 -6.58 0.27
N ALA B 165 -8.28 -7.68 -0.04
CA ALA B 165 -7.17 -8.11 0.79
C ALA B 165 -6.02 -7.11 0.74
N VAL B 166 -5.82 -6.49 -0.43
CA VAL B 166 -4.72 -5.56 -0.61
C VAL B 166 -5.03 -4.14 -0.11
N HIS B 167 -6.27 -3.68 -0.24
CA HIS B 167 -6.60 -2.27 0.00
C HIS B 167 -7.31 -2.00 1.32
N TYR B 168 -7.84 -3.05 1.94
CA TYR B 168 -8.41 -2.96 3.27
C TYR B 168 -7.83 -4.04 4.15
N PRO B 169 -6.50 -4.04 4.33
CA PRO B 169 -5.81 -5.13 5.04
C PRO B 169 -6.34 -5.41 6.44
N HIS B 170 -6.55 -4.34 7.23
CA HIS B 170 -7.13 -4.43 8.59
C HIS B 170 -8.44 -5.22 8.58
N VAL B 172 -9.75 -7.74 6.68
CA VAL B 172 -9.89 -9.05 6.09
C VAL B 172 -9.08 -10.09 6.84
N GLU B 173 -9.78 -10.94 7.58
CA GLU B 173 -9.17 -12.09 8.24
C GLU B 173 -8.71 -13.14 7.24
N ARG B 174 -9.59 -13.47 6.29
CA ARG B 174 -9.36 -14.58 5.33
C ARG B 174 -9.79 -14.19 3.93
N ILE B 176 -10.28 -16.11 0.16
CA ILE B 176 -10.32 -17.33 -0.66
C ILE B 176 -10.61 -16.94 -2.11
N GLY B 177 -9.63 -17.18 -2.99
CA GLY B 177 -9.75 -16.88 -4.39
C GLY B 177 -9.86 -18.17 -5.21
N VAL B 178 -11.07 -18.45 -5.71
CA VAL B 178 -11.31 -19.63 -6.53
C VAL B 178 -11.19 -19.28 -8.02
N ILE B 179 -10.49 -20.11 -8.78
CA ILE B 179 -10.34 -19.96 -10.23
C ILE B 179 -10.10 -18.50 -10.65
N THR B 180 -9.08 -17.90 -10.05
CA THR B 180 -8.78 -16.51 -10.25
C THR B 180 -7.25 -16.28 -10.30
N ASN B 181 -6.80 -15.03 -10.34
CA ASN B 181 -5.35 -14.70 -10.44
C ASN B 181 -5.10 -13.22 -10.03
N PRO B 182 -3.91 -12.93 -9.53
CA PRO B 182 -3.57 -11.56 -9.13
C PRO B 182 -3.56 -10.58 -10.28
N GLN B 183 -3.30 -11.06 -11.48
CA GLN B 183 -3.24 -10.21 -12.69
C GLN B 183 -3.90 -10.98 -13.81
N ASN B 184 -4.81 -10.38 -14.54
CA ASN B 184 -5.47 -11.13 -15.59
C ASN B 184 -4.41 -11.53 -16.60
N PRO B 185 -4.36 -12.83 -16.94
CA PRO B 185 -3.35 -13.27 -17.88
C PRO B 185 -3.47 -12.57 -19.22
N ILE B 186 -2.34 -12.38 -19.88
CA ILE B 186 -2.32 -11.69 -21.15
C ILE B 186 -3.19 -12.44 -22.15
N ILE B 187 -3.10 -13.78 -22.16
CA ILE B 187 -3.85 -14.60 -23.11
C ILE B 187 -5.36 -14.36 -22.97
N THR B 188 -5.83 -14.33 -21.73
CA THR B 188 -7.25 -14.17 -21.48
C THR B 188 -7.62 -12.71 -21.74
N SER B 189 -6.74 -11.81 -21.36
CA SER B 189 -7.00 -10.38 -21.56
C SER B 189 -7.26 -10.03 -23.02
N VAL B 190 -6.49 -10.61 -23.94
CA VAL B 190 -6.66 -10.29 -25.35
C VAL B 190 -7.74 -11.21 -25.95
N ASN B 191 -7.63 -12.49 -25.70
CA ASN B 191 -8.42 -13.44 -26.46
C ASN B 191 -9.88 -13.46 -26.06
N VAL B 192 -10.18 -13.22 -24.79
CA VAL B 192 -11.56 -13.13 -24.30
C VAL B 192 -11.98 -11.66 -24.03
N ALA B 193 -11.21 -10.85 -23.31
CA ALA B 193 -11.69 -9.47 -22.99
C ALA B 193 -11.59 -8.54 -24.22
N GLN B 194 -10.41 -8.32 -24.76
CA GLN B 194 -10.29 -7.46 -25.92
C GLN B 194 -11.11 -7.88 -27.13
N ASN B 195 -11.00 -9.15 -27.50
CA ASN B 195 -11.74 -9.66 -28.66
C ASN B 195 -13.25 -9.48 -28.45
N ALA B 196 -13.74 -9.58 -27.21
CA ALA B 196 -15.18 -9.43 -26.93
C ALA B 196 -15.61 -7.98 -27.13
N ILE B 197 -14.81 -7.05 -26.64
CA ILE B 197 -15.05 -5.62 -26.80
C ILE B 197 -15.11 -5.29 -28.29
N GLU B 198 -14.20 -5.84 -29.05
CA GLU B 198 -14.09 -5.48 -30.47
C GLU B 198 -15.18 -6.12 -31.31
N ALA B 199 -15.60 -7.32 -30.91
CA ALA B 199 -16.74 -7.97 -31.58
C ALA B 199 -17.99 -7.11 -31.35
N ILE B 200 -18.25 -6.69 -30.12
CA ILE B 200 -19.40 -5.82 -29.86
C ILE B 200 -19.31 -4.52 -30.69
N ARG B 201 -18.15 -3.87 -30.70
CA ARG B 201 -18.00 -2.59 -31.46
C ARG B 201 -18.10 -2.75 -32.98
N LEU B 202 -17.66 -3.90 -33.48
CA LEU B 202 -17.73 -4.18 -34.92
C LEU B 202 -19.17 -4.35 -35.42
N ASP B 203 -20.07 -4.85 -34.58
CA ASP B 203 -21.46 -4.98 -34.94
C ASP B 203 -22.05 -3.60 -35.23
N PRO B 204 -22.49 -3.38 -36.46
CA PRO B 204 -23.06 -2.06 -36.83
C PRO B 204 -24.26 -1.64 -35.97
N SER B 205 -24.99 -2.62 -35.43
CA SER B 205 -26.05 -2.33 -34.50
C SER B 205 -25.58 -1.71 -33.20
N TRP B 206 -24.29 -1.78 -32.91
CA TRP B 206 -23.78 -1.10 -31.72
C TRP B 206 -24.05 0.44 -31.78
N LYS B 207 -24.00 1.02 -32.98
CA LYS B 207 -24.26 2.45 -33.17
C LYS B 207 -23.56 3.38 -32.17
N GLY B 208 -22.25 3.23 -32.07
CA GLY B 208 -21.45 4.09 -31.21
C GLY B 208 -21.74 3.88 -29.76
N GLY B 209 -22.45 2.80 -29.41
CA GLY B 209 -22.93 2.62 -28.04
C GLY B 209 -24.29 3.23 -27.73
N LYS B 210 -24.91 3.86 -28.72
CA LYS B 210 -26.25 4.43 -28.52
C LYS B 210 -27.32 3.59 -29.21
N TYR B 211 -27.45 2.33 -28.85
CA TYR B 211 -28.33 1.40 -29.56
C TYR B 211 -29.71 1.26 -28.97
N GLY B 212 -29.99 1.92 -27.86
CA GLY B 212 -31.30 1.83 -27.22
C GLY B 212 -31.54 0.43 -26.66
N GLU B 213 -32.61 -0.20 -27.08
CA GLU B 213 -32.93 -1.55 -26.65
C GLU B 213 -32.58 -2.59 -27.70
N GLU B 214 -32.31 -2.15 -28.93
CA GLU B 214 -31.98 -3.06 -29.99
C GLU B 214 -30.51 -3.46 -29.79
N GLN B 215 -30.25 -4.55 -29.05
CA GLN B 215 -28.87 -4.92 -28.71
C GLN B 215 -28.08 -5.35 -29.94
N PRO B 216 -26.76 -5.07 -29.96
CA PRO B 216 -25.91 -5.64 -31.05
C PRO B 216 -25.68 -7.13 -30.84
N LYS B 218 -25.41 -9.97 -32.60
CA LYS B 218 -24.36 -10.75 -33.27
C LYS B 218 -22.99 -10.58 -32.58
N GLY B 219 -22.57 -9.34 -32.36
CA GLY B 219 -21.33 -9.06 -31.64
C GLY B 219 -21.36 -9.60 -30.24
N LEU B 220 -22.51 -9.48 -29.58
CA LEU B 220 -22.63 -9.94 -28.21
C LEU B 220 -22.60 -11.45 -28.15
N GLN B 221 -23.18 -12.11 -29.14
CA GLN B 221 -23.16 -13.56 -29.13
C GLN B 221 -21.74 -14.06 -29.37
N LEU B 222 -21.06 -13.43 -30.33
CA LEU B 222 -19.64 -13.68 -30.57
C LEU B 222 -18.77 -13.51 -29.27
N ALA B 223 -18.96 -12.41 -28.54
CA ALA B 223 -18.31 -12.18 -27.25
C ALA B 223 -18.64 -13.31 -26.27
N ASN B 224 -19.91 -13.68 -26.20
CA ASN B 224 -20.32 -14.71 -25.27
C ASN B 224 -19.72 -16.06 -25.67
N ARG B 225 -19.67 -16.33 -26.98
CA ARG B 225 -19.15 -17.60 -27.43
C ARG B 225 -17.67 -17.76 -27.14
N PHE B 228 -17.48 -18.77 -23.49
CA PHE B 228 -17.98 -20.12 -23.28
C PHE B 228 -16.96 -21.17 -23.76
N ASN B 230 -13.76 -21.24 -23.78
CA ASN B 230 -12.62 -21.42 -22.90
C ASN B 230 -13.02 -21.70 -21.46
N ALA B 231 -14.30 -21.92 -21.19
CA ALA B 231 -14.76 -22.06 -19.81
C ALA B 231 -14.63 -23.51 -19.27
N PHE B 232 -14.33 -24.48 -20.16
CA PHE B 232 -14.23 -25.88 -19.76
C PHE B 232 -12.92 -26.47 -20.30
N ASP B 233 -12.63 -27.73 -19.97
CA ASP B 233 -11.57 -28.49 -20.63
C ASP B 233 -11.93 -28.72 -22.12
N GLU B 234 -10.91 -28.69 -22.94
CA GLU B 234 -10.96 -29.08 -24.35
C GLU B 234 -11.86 -30.30 -24.59
N HIS B 235 -11.63 -31.35 -23.81
CA HIS B 235 -12.36 -32.59 -23.98
C HIS B 235 -13.87 -32.50 -23.63
N PHE B 236 -14.26 -31.54 -22.81
CA PHE B 236 -15.68 -31.35 -22.54
C PHE B 236 -16.43 -31.08 -23.83
N TYR B 237 -15.90 -30.19 -24.68
CA TYR B 237 -16.61 -29.83 -25.92
C TYR B 237 -16.66 -31.01 -26.87
N GLU B 238 -15.54 -31.72 -26.94
CA GLU B 238 -15.41 -32.87 -27.82
C GLU B 238 -16.49 -33.91 -27.60
N THR B 239 -16.90 -34.13 -26.35
CA THR B 239 -17.89 -35.14 -26.05
C THR B 239 -19.27 -34.56 -25.81
N THR B 240 -19.42 -33.29 -25.43
CA THR B 240 -20.76 -32.78 -25.21
C THR B 240 -21.40 -32.34 -26.51
N TYR B 241 -20.61 -31.83 -27.44
CA TYR B 241 -21.07 -31.37 -28.75
C TYR B 241 -20.25 -32.10 -29.83
N PRO B 242 -20.44 -33.42 -29.96
CA PRO B 242 -19.58 -34.27 -30.75
C PRO B 242 -19.71 -34.07 -32.26
N ARG B 243 -18.63 -34.35 -32.98
CA ARG B 243 -18.69 -34.23 -34.40
C ARG B 243 -19.60 -35.29 -35.03
N ASN B 244 -20.50 -34.87 -35.88
CA ASN B 244 -21.33 -35.75 -36.74
C ASN B 244 -20.61 -35.97 -38.09
N SER B 245 -20.09 -37.17 -38.28
CA SER B 245 -19.29 -37.49 -39.45
C SER B 245 -20.10 -37.87 -40.65
N ILE B 246 -21.43 -37.86 -40.52
CA ILE B 246 -22.34 -38.30 -41.61
C ILE B 246 -22.94 -37.11 -42.40
N GLU B 247 -23.53 -36.16 -41.71
CA GLU B 247 -23.95 -34.86 -42.23
C GLU B 247 -23.16 -34.37 -43.44
N VAL B 248 -23.89 -34.05 -44.50
CA VAL B 248 -23.35 -33.62 -45.78
C VAL B 248 -23.56 -32.11 -46.06
N GLU B 249 -24.61 -31.52 -45.48
CA GLU B 249 -24.94 -30.10 -45.79
CA GLU B 249 -24.98 -30.15 -45.77
C GLU B 249 -23.83 -29.12 -45.44
N PRO B 250 -23.15 -29.31 -44.30
CA PRO B 250 -22.06 -28.36 -44.04
C PRO B 250 -20.96 -28.35 -45.10
N TYR B 251 -20.84 -29.44 -45.85
CA TYR B 251 -19.85 -29.58 -46.94
C TYR B 251 -20.26 -28.92 -48.27
N GLU B 252 -21.44 -28.31 -48.29
CA GLU B 252 -21.99 -27.83 -49.55
C GLU B 252 -22.21 -26.31 -49.62
N LYS B 253 -22.32 -25.62 -48.49
CA LYS B 253 -22.27 -24.17 -48.50
C LYS B 253 -21.51 -23.65 -47.32
N VAL B 254 -20.82 -22.53 -47.51
CA VAL B 254 -20.01 -21.99 -46.44
C VAL B 254 -20.90 -21.66 -45.27
N SER B 255 -22.04 -21.05 -45.54
CA SER B 255 -22.97 -20.69 -44.45
C SER B 255 -23.72 -21.88 -43.80
N SER B 256 -23.66 -23.08 -44.36
CA SER B 256 -24.32 -24.26 -43.73
C SER B 256 -23.59 -24.76 -42.47
N LEU B 257 -24.22 -24.68 -41.31
CA LEU B 257 -23.57 -25.01 -40.04
C LEU B 257 -23.54 -26.50 -39.71
N THR B 258 -22.47 -26.95 -39.05
CA THR B 258 -22.44 -28.28 -38.48
C THR B 258 -23.41 -28.43 -37.28
N SER B 259 -23.65 -29.67 -36.86
CA SER B 259 -24.55 -29.93 -35.74
C SER B 259 -23.99 -29.28 -34.46
N PHE B 260 -22.68 -29.42 -34.18
CA PHE B 260 -22.12 -28.79 -32.98
C PHE B 260 -22.24 -27.24 -32.98
N GLU B 261 -21.98 -26.61 -34.14
CA GLU B 261 -22.15 -25.17 -34.26
C GLU B 261 -23.55 -24.75 -33.92
N LYS B 262 -24.54 -25.54 -34.34
CA LYS B 262 -25.93 -25.22 -34.02
C LYS B 262 -26.20 -25.41 -32.55
N GLU B 263 -25.68 -26.47 -31.97
CA GLU B 263 -25.96 -26.65 -30.53
C GLU B 263 -25.43 -25.44 -29.73
N ILE B 264 -24.16 -25.08 -29.98
CA ILE B 264 -23.48 -24.03 -29.26
C ILE B 264 -24.09 -22.68 -29.56
N ASN B 265 -24.51 -22.48 -30.81
CA ASN B 265 -25.29 -21.27 -31.15
C ASN B 265 -26.53 -21.10 -30.28
N LYS B 266 -27.24 -22.19 -30.08
CA LYS B 266 -28.47 -22.11 -29.33
C LYS B 266 -28.15 -21.78 -27.88
N LEU B 267 -27.13 -22.41 -27.29
CA LEU B 267 -26.78 -22.14 -25.88
C LEU B 267 -26.29 -20.69 -25.68
N THR B 268 -25.41 -20.23 -26.56
CA THR B 268 -24.83 -18.91 -26.38
C THR B 268 -25.79 -17.77 -26.67
N TYR B 269 -26.80 -18.00 -27.52
CA TYR B 269 -27.83 -16.98 -27.76
C TYR B 269 -28.77 -16.90 -26.55
N ARG B 270 -29.05 -18.06 -25.98
CA ARG B 270 -29.94 -18.11 -24.83
C ARG B 270 -29.33 -17.33 -23.67
N SER B 271 -28.05 -17.54 -23.39
CA SER B 271 -27.46 -16.89 -22.24
C SER B 271 -27.25 -15.37 -22.41
N ILE B 272 -27.49 -14.79 -23.57
CA ILE B 272 -27.38 -13.34 -23.69
C ILE B 272 -28.74 -12.62 -23.79
N GLU B 273 -29.85 -13.32 -23.61
CA GLU B 273 -31.18 -12.67 -23.75
C GLU B 273 -31.39 -11.54 -22.75
N LEU B 274 -30.93 -11.71 -21.52
CA LEU B 274 -31.08 -10.69 -20.52
C LEU B 274 -29.88 -9.73 -20.41
N VAL B 275 -28.93 -9.83 -21.35
CA VAL B 275 -27.63 -9.15 -21.16
C VAL B 275 -27.57 -7.86 -21.96
N ASP B 276 -26.83 -6.88 -21.45
CA ASP B 276 -26.65 -5.60 -22.14
C ASP B 276 -25.24 -5.47 -22.69
N ALA B 277 -25.11 -5.05 -23.93
CA ALA B 277 -23.80 -5.10 -24.60
C ALA B 277 -22.75 -4.08 -24.04
N ASN B 278 -23.16 -2.83 -23.79
CA ASN B 278 -22.23 -1.86 -23.22
C ASN B 278 -21.73 -2.33 -21.85
N SER B 279 -22.63 -2.93 -21.07
CA SER B 279 -22.29 -3.45 -19.75
C SER B 279 -21.29 -4.61 -19.84
N TRP B 280 -21.49 -5.48 -20.85
CA TRP B 280 -20.54 -6.55 -21.09
C TRP B 280 -19.17 -5.92 -21.40
N TYR B 282 -17.90 -2.94 -20.46
CA TYR B 282 -17.27 -2.35 -19.28
C TYR B 282 -16.72 -3.42 -18.36
N THR B 283 -17.47 -4.49 -18.17
CA THR B 283 -17.04 -5.62 -17.34
C THR B 283 -15.84 -6.33 -17.95
N ALA B 284 -15.79 -6.45 -19.27
CA ALA B 284 -14.65 -7.08 -19.92
C ALA B 284 -13.42 -6.16 -19.74
N LYS B 285 -13.63 -4.85 -19.82
CA LYS B 285 -12.58 -3.88 -19.58
C LYS B 285 -12.06 -4.03 -18.15
N ALA B 286 -12.93 -4.12 -17.15
CA ALA B 286 -12.43 -4.34 -15.78
C ALA B 286 -11.57 -5.63 -15.67
N VAL B 287 -12.00 -6.69 -16.35
CA VAL B 287 -11.27 -7.96 -16.30
C VAL B 287 -9.89 -7.75 -16.95
N LEU B 288 -9.88 -7.11 -18.10
CA LEU B 288 -8.62 -6.81 -18.79
C LEU B 288 -7.66 -5.92 -17.98
N LEU B 289 -8.23 -5.07 -17.13
CA LEU B 289 -7.43 -4.17 -16.33
C LEU B 289 -7.00 -4.82 -15.01
N HIS B 290 -7.52 -6.00 -14.70
CA HIS B 290 -7.32 -6.56 -13.36
C HIS B 290 -5.84 -6.76 -13.09
N ASP B 291 -5.34 -6.05 -12.10
CA ASP B 291 -3.91 -6.04 -11.75
C ASP B 291 -3.71 -5.48 -10.34
N ILE B 292 -3.57 -6.37 -9.35
CA ILE B 292 -3.40 -5.91 -7.98
C ILE B 292 -2.13 -5.05 -7.81
N ALA B 293 -1.20 -5.16 -8.76
CA ALA B 293 0.05 -4.43 -8.72
C ALA B 293 -0.11 -3.04 -9.29
N HIS B 294 -1.23 -2.77 -9.96
CA HIS B 294 -1.42 -1.43 -10.50
C HIS B 294 -1.38 -0.41 -9.37
N GLY B 295 -0.61 0.65 -9.57
CA GLY B 295 -0.41 1.64 -8.51
C GLY B 295 0.64 1.27 -7.46
N PHE B 296 1.55 0.34 -7.81
CA PHE B 296 2.60 -0.09 -6.92
C PHE B 296 3.72 -0.40 -7.86
N SER B 297 4.89 -0.65 -7.32
CA SER B 297 6.09 -0.77 -8.12
CA SER B 297 6.08 -0.75 -8.13
C SER B 297 6.40 -2.21 -8.45
N SER B 298 5.68 -3.14 -7.80
CA SER B 298 5.84 -4.56 -8.10
C SER B 298 4.65 -5.32 -7.52
N LEU B 299 4.48 -6.53 -8.01
CA LEU B 299 3.52 -7.46 -7.40
C LEU B 299 3.86 -7.71 -5.91
N GLU B 300 5.16 -7.83 -5.62
CA GLU B 300 5.61 -8.02 -4.23
C GLU B 300 5.14 -6.90 -3.32
N GLU B 301 5.34 -5.63 -3.71
CA GLU B 301 4.96 -4.52 -2.86
C GLU B 301 3.46 -4.53 -2.61
N ALA B 302 2.68 -4.81 -3.66
CA ALA B 302 1.23 -4.90 -3.53
C ALA B 302 0.86 -6.02 -2.55
N LEU B 303 1.50 -7.18 -2.70
CA LEU B 303 1.21 -8.31 -1.82
C LEU B 303 1.67 -8.04 -0.39
N SER B 304 2.68 -7.17 -0.21
CA SER B 304 3.14 -6.86 1.14
C SER B 304 2.02 -6.26 2.00
N ASN B 305 1.04 -5.62 1.37
CA ASN B 305 -0.12 -5.10 2.10
C ASN B 305 -1.04 -6.16 2.69
N VAL B 306 -1.01 -7.38 2.16
CA VAL B 306 -1.96 -8.39 2.55
C VAL B 306 -1.61 -8.86 3.98
N GLU B 307 -2.63 -8.83 4.84
CA GLU B 307 -2.51 -9.37 6.19
C GLU B 307 -3.45 -10.56 6.45
N ALA B 308 -4.39 -10.81 5.53
CA ALA B 308 -5.28 -11.96 5.61
C ALA B 308 -4.53 -13.28 5.40
N ASN B 309 -5.04 -14.34 6.00
CA ASN B 309 -4.69 -15.68 5.57
C ASN B 309 -5.30 -15.86 4.17
N VAL B 310 -4.52 -16.47 3.28
CA VAL B 310 -4.87 -16.61 1.89
C VAL B 310 -4.95 -18.09 1.48
N LEU B 311 -6.06 -18.46 0.83
CA LEU B 311 -6.24 -19.75 0.14
C LEU B 311 -6.60 -19.49 -1.34
N ILE B 313 -7.59 -21.45 -4.84
CA ILE B 313 -8.13 -22.72 -5.35
C ILE B 313 -8.26 -22.66 -6.88
N PRO B 314 -7.15 -22.87 -7.57
CA PRO B 314 -7.23 -22.92 -9.03
C PRO B 314 -7.66 -24.32 -9.52
N CYS B 315 -8.00 -24.41 -10.80
CA CYS B 315 -8.25 -25.71 -11.41
C CYS B 315 -7.22 -25.95 -12.49
N LYS B 316 -6.57 -27.11 -12.43
CA LYS B 316 -5.54 -27.42 -13.39
C LYS B 316 -5.95 -27.32 -14.86
N GLN B 317 -7.20 -27.62 -15.16
CA GLN B 317 -7.65 -27.62 -16.55
C GLN B 317 -8.22 -26.27 -16.99
N ASP B 318 -8.05 -25.25 -16.13
CA ASP B 318 -8.62 -23.92 -16.39
C ASP B 318 -7.84 -23.20 -17.47
N LEU B 319 -8.47 -22.98 -18.61
CA LEU B 319 -7.84 -22.30 -19.74
C LEU B 319 -7.87 -20.76 -19.67
N LEU B 320 -8.79 -20.21 -18.86
CA LEU B 320 -8.96 -18.78 -18.67
C LEU B 320 -8.01 -18.20 -17.62
N GLN B 321 -7.79 -18.98 -16.55
CA GLN B 321 -6.96 -18.59 -15.42
C GLN B 321 -5.93 -19.68 -15.06
N PRO B 322 -4.80 -19.74 -15.80
CA PRO B 322 -3.77 -20.78 -15.60
C PRO B 322 -3.26 -20.75 -14.21
N SER B 323 -3.18 -21.91 -13.59
CA SER B 323 -2.95 -21.98 -12.17
C SER B 323 -1.51 -21.67 -11.79
N ARG B 324 -0.58 -21.67 -12.73
CA ARG B 324 0.79 -21.36 -12.35
C ARG B 324 0.95 -20.02 -11.63
N TYR B 325 0.09 -19.04 -11.93
CA TYR B 325 0.23 -17.73 -11.29
C TYR B 325 -0.30 -17.73 -9.86
N ASN B 326 -1.17 -18.68 -9.50
CA ASN B 326 -1.56 -18.85 -8.12
C ASN B 326 -0.33 -19.27 -7.28
N TYR B 327 0.46 -20.22 -7.81
CA TYR B 327 1.62 -20.69 -7.09
C TYR B 327 2.66 -19.59 -6.87
N LYS B 328 2.93 -18.84 -7.93
CA LYS B 328 3.82 -17.71 -7.84
C LYS B 328 3.37 -16.70 -6.77
N VAL B 330 1.48 -17.22 -4.19
CA VAL B 330 1.46 -17.80 -2.89
C VAL B 330 2.88 -17.93 -2.38
N ASP B 331 3.79 -18.31 -3.27
CA ASP B 331 5.20 -18.28 -2.97
C ASP B 331 5.68 -16.90 -2.51
N LEU B 332 5.24 -15.85 -3.19
CA LEU B 332 5.71 -14.53 -2.80
C LEU B 332 5.16 -14.20 -1.42
N LEU B 333 3.92 -14.55 -1.12
CA LEU B 333 3.32 -14.28 0.20
C LEU B 333 4.05 -15.01 1.31
N GLN B 334 4.39 -16.26 1.07
CA GLN B 334 5.08 -17.06 2.06
C GLN B 334 6.48 -16.52 2.32
N LYS B 335 7.18 -16.02 1.31
CA LYS B 335 8.50 -15.41 1.56
C LYS B 335 8.41 -14.14 2.39
N GLN B 336 7.27 -13.46 2.38
CA GLN B 336 7.04 -12.36 3.31
C GLN B 336 6.58 -12.87 4.67
N GLY B 337 6.65 -14.17 4.90
CA GLY B 337 6.24 -14.74 6.19
C GLY B 337 4.74 -14.80 6.41
N LYS B 338 3.94 -14.78 5.34
CA LYS B 338 2.49 -14.80 5.50
C LYS B 338 1.93 -16.20 5.31
N TYR B 339 0.74 -16.45 5.84
CA TYR B 339 0.09 -17.74 5.67
C TYR B 339 -0.66 -17.71 4.33
N ALA B 340 -0.19 -18.51 3.38
CA ALA B 340 -0.84 -18.62 2.08
C ALA B 340 -0.72 -20.06 1.56
N GLU B 341 -1.81 -20.58 0.96
CA GLU B 341 -1.75 -21.87 0.27
C GLU B 341 -2.52 -22.00 -1.06
N VAL B 342 -1.98 -22.84 -1.93
CA VAL B 342 -2.71 -23.28 -3.10
C VAL B 342 -3.31 -24.66 -2.87
N TYR B 343 -4.61 -24.77 -3.10
CA TYR B 343 -5.33 -26.04 -3.17
C TYR B 343 -5.90 -26.22 -4.58
N GLU B 344 -5.19 -26.95 -5.42
CA GLU B 344 -5.58 -27.12 -6.81
C GLU B 344 -6.51 -28.31 -7.06
N ILE B 345 -7.60 -28.07 -7.76
CA ILE B 345 -8.53 -29.11 -8.13
C ILE B 345 -8.36 -29.49 -9.61
N GLU B 346 -8.96 -30.63 -9.99
CA GLU B 346 -8.94 -31.16 -11.37
C GLU B 346 -10.32 -31.55 -11.82
N SER B 347 -10.65 -31.24 -13.07
CA SER B 347 -12.00 -31.45 -13.60
C SER B 347 -12.09 -31.20 -15.10
N ILE B 348 -12.83 -32.08 -15.76
CA ILE B 348 -13.13 -31.90 -17.15
C ILE B 348 -13.93 -30.58 -17.32
N ASN B 349 -14.56 -30.06 -16.27
CA ASN B 349 -15.16 -28.74 -16.35
C ASN B 349 -14.25 -27.52 -16.37
N GLY B 350 -12.95 -27.72 -16.21
CA GLY B 350 -11.96 -26.64 -16.32
C GLY B 350 -12.27 -25.47 -15.41
N HIS B 351 -12.26 -24.27 -15.97
CA HIS B 351 -12.61 -23.05 -15.24
C HIS B 351 -13.93 -23.19 -14.50
N ALA B 353 -15.19 -25.60 -13.10
CA ALA B 353 -15.13 -26.43 -11.89
C ALA B 353 -15.34 -25.59 -10.62
N GLY B 354 -14.81 -24.35 -10.65
CA GLY B 354 -14.94 -23.44 -9.53
C GLY B 354 -16.38 -23.10 -9.19
N VAL B 355 -17.29 -23.30 -10.12
CA VAL B 355 -18.70 -23.04 -9.84
C VAL B 355 -19.52 -24.33 -9.77
N PHE B 356 -19.26 -25.29 -10.65
CA PHE B 356 -20.03 -26.53 -10.69
C PHE B 356 -19.48 -27.68 -9.84
N ASP B 357 -18.24 -27.67 -9.40
CA ASP B 357 -17.65 -28.85 -8.78
C ASP B 357 -17.25 -28.58 -7.35
N ILE B 358 -18.18 -27.96 -6.66
CA ILE B 358 -18.09 -27.64 -5.27
C ILE B 358 -17.57 -28.79 -4.41
N HIS B 359 -18.05 -30.01 -4.65
CA HIS B 359 -17.60 -31.19 -3.90
CA HIS B 359 -17.60 -31.14 -3.82
C HIS B 359 -16.07 -31.33 -3.87
N LEU B 360 -15.41 -30.81 -4.89
CA LEU B 360 -13.96 -30.93 -4.97
C LEU B 360 -13.17 -30.08 -3.96
N PHE B 361 -13.80 -29.10 -3.34
CA PHE B 361 -13.07 -28.20 -2.43
C PHE B 361 -13.89 -27.68 -1.24
N GLU B 362 -15.11 -28.17 -1.07
CA GLU B 362 -15.96 -27.71 0.02
C GLU B 362 -15.33 -27.99 1.35
N LYS B 363 -14.67 -29.13 1.46
CA LYS B 363 -14.12 -29.54 2.73
C LYS B 363 -12.93 -28.60 3.09
N LYS B 364 -12.10 -28.28 2.09
CA LYS B 364 -11.01 -27.34 2.30
C LYS B 364 -11.51 -25.94 2.67
N VAL B 365 -12.57 -25.49 2.03
CA VAL B 365 -13.12 -24.17 2.39
C VAL B 365 -13.52 -24.18 3.88
N TYR B 366 -14.20 -25.25 4.29
CA TYR B 366 -14.68 -25.39 5.64
C TYR B 366 -13.56 -25.30 6.66
N GLU B 367 -12.52 -26.07 6.41
CA GLU B 367 -11.38 -26.15 7.26
C GLU B 367 -10.66 -24.78 7.34
N PHE B 368 -10.49 -24.11 6.19
CA PHE B 368 -9.86 -22.79 6.13
C PHE B 368 -10.65 -21.75 6.91
N LEU B 369 -11.99 -21.83 6.86
CA LEU B 369 -12.83 -20.86 7.57
C LEU B 369 -12.78 -21.02 9.11
N ASN B 370 -12.35 -22.19 9.57
CA ASN B 370 -12.22 -22.51 10.97
C ASN B 370 -10.83 -22.33 11.51
N ARG B 371 -9.83 -22.43 10.64
CA ARG B 371 -8.46 -22.15 11.03
C ARG B 371 -8.32 -20.68 11.51
N LYS B 372 -7.72 -20.52 12.70
CA LYS B 372 -7.49 -19.23 13.36
C LYS B 372 -6.50 -18.36 12.62
N VAL B 373 -6.64 -17.06 12.80
CA VAL B 373 -5.75 -16.10 12.15
C VAL B 373 -4.89 -15.37 13.20
N SER B 374 -3.60 -15.18 12.92
CA SER B 374 -2.73 -14.37 13.79
C SER B 374 -3.20 -12.91 13.88
N SER B 375 -3.50 -12.49 15.11
CA SER B 375 -4.00 -11.14 15.46
C SER B 375 -3.62 -10.03 14.47
#